data_6EMI
#
_entry.id   6EMI
#
_cell.length_a   159.840
_cell.length_b   75.170
_cell.length_c   122.070
_cell.angle_alpha   90.00
_cell.angle_beta   93.37
_cell.angle_gamma   90.00
#
_symmetry.space_group_name_H-M   'C 1 2 1'
#
loop_
_entity.id
_entity.type
_entity.pdbx_description
1 polymer Cholinesterase
2 non-polymer 1,2-ETHANEDIOL
3 non-polymer DI(HYDROXYETHYL)ETHER
4 non-polymer 'CHLORIDE ION'
5 non-polymer 'TRIETHYLENE GLYCOL'
6 non-polymer 'TETRAETHYLENE GLYCOL'
7 water water
#
_entity_poly.entity_id   1
_entity_poly.type   'polypeptide(L)'
_entity_poly.pdbx_seq_one_letter_code
;GAMEDDIIITTKNGKVRGMNLTVFGGTVTAFLGIPYAQPPLGRLRFKKPQPLTKWSGIWNATKYANSCMQNIDTSFPGFH
GSEMWNPNTDLSEDCLYLNVWIPAPKPKNATVMVWIYGGGFQTGTSSLPVYDGKFLARVERVIVVSMNYRVGALGFLALP
GNPEAPGNMGLFDQQLALKWVQDNIAAFGGDPNRVTLFGESAGAASVSLHLLSPGSHPLFTRAILQSGSANAPWAVMSPE
EARNRTLNLAKLLGCSRENETEIIKCLRNKDPQEILDNEAFVVPYSTPLSVNFGPTVDGDFLTDMPDTLLELGQFKKTQI
LVGVNKDEGTAFLVYGAPGFSKDNDSIITRKEFQEGLKVFFPNVSEFGKESILFHYTDWEDEDRPENYRDALAEVVGDYF
FICPALEFAKKYAEHGNNAYFYYFEHRSSKLPWPEWMGVMHGYEIEFVFGLPLERRLNYTKEEEILSREIMRRWANFAKY
GNPNETQNNSTQWPVFKPTEQKYLTLNTESSRIMTKLRAQHCRFWNSFFPKV
;
_entity_poly.pdbx_strand_id   A,B
#
# COMPACT_ATOMS: atom_id res chain seq x y z
N ASP A 6 22.17 3.86 7.06
CA ASP A 6 22.62 2.84 6.13
C ASP A 6 21.91 3.02 4.78
N ILE A 7 22.21 2.11 3.84
CA ILE A 7 21.82 2.24 2.43
C ILE A 7 22.44 3.54 1.91
N ILE A 8 23.76 3.54 1.79
CA ILE A 8 24.52 4.73 1.38
C ILE A 8 25.17 4.45 0.04
N ILE A 9 24.99 5.36 -0.91
CA ILE A 9 25.63 5.30 -2.21
C ILE A 9 26.45 6.58 -2.36
N THR A 10 27.69 6.43 -2.81
CA THR A 10 28.58 7.57 -3.00
C THR A 10 28.45 8.06 -4.45
N THR A 11 27.88 9.25 -4.62
CA THR A 11 27.79 9.87 -5.93
C THR A 11 29.02 10.74 -6.17
N LYS A 12 29.09 11.36 -7.35
CA LYS A 12 30.19 12.26 -7.65
C LYS A 12 30.09 13.57 -6.88
N ASN A 13 28.95 13.86 -6.25
CA ASN A 13 28.77 15.08 -5.48
C ASN A 13 28.62 14.83 -3.98
N GLY A 14 28.54 13.57 -3.55
CA GLY A 14 28.40 13.27 -2.14
C GLY A 14 27.56 12.03 -1.93
N LYS A 15 27.56 11.57 -0.69
CA LYS A 15 26.81 10.38 -0.31
C LYS A 15 25.33 10.69 -0.19
N VAL A 16 24.51 9.69 -0.54
CA VAL A 16 23.06 9.79 -0.43
C VAL A 16 22.56 8.57 0.35
N ARG A 17 21.44 8.74 1.05
CA ARG A 17 20.81 7.68 1.81
C ARG A 17 19.40 7.46 1.31
N GLY A 18 19.06 6.20 1.03
CA GLY A 18 17.73 5.86 0.56
C GLY A 18 16.97 4.96 1.51
N MET A 19 15.86 4.39 1.05
CA MET A 19 15.04 3.49 1.85
C MET A 19 14.89 2.14 1.17
N ASN A 20 14.44 1.17 1.94
CA ASN A 20 14.00 -0.12 1.43
C ASN A 20 12.47 -0.17 1.55
N LEU A 21 11.82 -0.54 0.46
CA LEU A 21 10.36 -0.54 0.39
C LEU A 21 9.83 -1.95 0.27
N THR A 22 8.73 -2.24 0.96
CA THR A 22 8.04 -3.51 0.82
C THR A 22 7.16 -3.44 -0.42
N VAL A 23 7.51 -4.21 -1.45
CA VAL A 23 6.78 -4.19 -2.72
C VAL A 23 6.55 -5.64 -3.15
N PHE A 24 5.32 -6.12 -3.00
CA PHE A 24 4.90 -7.44 -3.46
C PHE A 24 5.79 -8.55 -2.87
N GLY A 25 5.90 -8.56 -1.55
CA GLY A 25 6.74 -9.55 -0.90
C GLY A 25 8.20 -9.45 -1.26
N GLY A 26 8.66 -8.27 -1.69
CA GLY A 26 10.06 -8.04 -2.00
C GLY A 26 10.46 -6.64 -1.61
N THR A 27 11.73 -6.32 -1.84
CA THR A 27 12.29 -5.03 -1.47
C THR A 27 12.78 -4.29 -2.71
N VAL A 28 12.59 -2.98 -2.72
CA VAL A 28 13.10 -2.09 -3.76
C VAL A 28 13.74 -0.90 -3.07
N THR A 29 14.98 -0.59 -3.44
CA THR A 29 15.70 0.53 -2.87
C THR A 29 15.36 1.80 -3.64
N ALA A 30 14.83 2.79 -2.93
CA ALA A 30 14.40 4.05 -3.53
C ALA A 30 15.23 5.19 -2.97
N PHE A 31 15.71 6.07 -3.86
CA PHE A 31 16.39 7.31 -3.49
C PHE A 31 15.57 8.45 -4.06
N LEU A 32 14.75 9.08 -3.21
CA LEU A 32 13.83 10.13 -3.63
C LEU A 32 14.43 11.50 -3.35
N GLY A 33 14.43 12.36 -4.35
CA GLY A 33 14.82 13.75 -4.15
C GLY A 33 16.30 14.02 -4.18
N ILE A 34 17.06 13.32 -5.01
CA ILE A 34 18.48 13.60 -5.15
C ILE A 34 18.66 14.85 -6.02
N PRO A 35 19.37 15.86 -5.54
CA PRO A 35 19.62 17.04 -6.39
C PRO A 35 20.60 16.71 -7.50
N TYR A 36 20.33 17.27 -8.68
CA TYR A 36 21.22 17.08 -9.82
C TYR A 36 21.67 18.39 -10.45
N ALA A 37 21.27 19.54 -9.90
CA ALA A 37 21.70 20.84 -10.41
C ALA A 37 21.57 21.87 -9.31
N GLN A 38 22.29 22.97 -9.47
CA GLN A 38 22.16 24.08 -8.54
C GLN A 38 20.76 24.65 -8.62
N PRO A 39 20.14 24.98 -7.49
CA PRO A 39 18.78 25.53 -7.52
C PRO A 39 18.71 26.80 -8.36
N PRO A 40 17.84 26.82 -9.38
CA PRO A 40 17.75 27.98 -10.29
C PRO A 40 17.02 29.15 -9.66
N LEU A 41 17.70 29.83 -8.74
CA LEU A 41 17.09 30.89 -7.94
C LEU A 41 17.79 32.21 -8.22
N GLY A 42 17.01 33.30 -8.22
CA GLY A 42 17.52 34.65 -8.36
C GLY A 42 18.36 34.89 -9.58
N ARG A 43 19.69 34.93 -9.38
CA ARG A 43 20.63 35.11 -10.48
C ARG A 43 20.51 34.00 -11.52
N LEU A 44 20.03 32.83 -11.13
CA LEU A 44 20.00 31.67 -12.01
C LEU A 44 18.62 31.42 -12.63
N ARG A 45 17.64 32.28 -12.37
CA ARG A 45 16.33 32.11 -12.97
C ARG A 45 16.38 32.40 -14.47
N PHE A 46 15.71 31.55 -15.24
CA PHE A 46 15.60 31.58 -16.70
C PHE A 46 16.87 31.09 -17.40
N LYS A 47 17.93 30.76 -16.66
CA LYS A 47 19.16 30.30 -17.29
C LYS A 47 19.17 28.77 -17.35
N LYS A 48 20.11 28.24 -18.14
CA LYS A 48 20.30 26.80 -18.20
C LYS A 48 20.75 26.30 -16.83
N PRO A 49 20.46 25.04 -16.50
CA PRO A 49 20.82 24.53 -15.18
C PRO A 49 22.34 24.52 -14.99
N GLN A 50 22.77 24.86 -13.79
CA GLN A 50 24.18 24.87 -13.44
C GLN A 50 24.58 23.55 -12.79
N PRO A 51 25.70 22.97 -13.19
CA PRO A 51 26.14 21.71 -12.57
C PRO A 51 26.45 21.88 -11.10
N LEU A 52 26.20 20.83 -10.34
CA LEU A 52 26.38 20.87 -8.89
C LEU A 52 27.87 20.77 -8.53
N THR A 53 28.18 21.25 -7.33
CA THR A 53 29.45 20.99 -6.68
C THR A 53 29.22 19.98 -5.56
N LYS A 54 30.29 19.64 -4.85
CA LYS A 54 30.19 18.64 -3.79
C LYS A 54 29.41 19.19 -2.60
N TRP A 55 28.80 18.28 -1.85
CA TRP A 55 28.19 18.59 -0.58
C TRP A 55 28.83 17.71 0.50
N SER A 56 28.96 18.27 1.69
CA SER A 56 29.54 17.55 2.82
C SER A 56 28.45 16.83 3.60
N GLY A 57 28.76 15.64 4.06
CA GLY A 57 27.79 14.83 4.76
C GLY A 57 27.06 13.87 3.84
N ILE A 58 25.89 13.44 4.30
CA ILE A 58 25.08 12.47 3.57
C ILE A 58 23.72 13.09 3.33
N TRP A 59 23.42 13.38 2.06
CA TRP A 59 22.09 13.85 1.69
C TRP A 59 21.09 12.73 1.89
N ASN A 60 20.04 13.01 2.66
CA ASN A 60 19.04 12.01 3.00
C ASN A 60 17.97 12.03 1.90
N ALA A 61 18.03 11.05 1.00
CA ALA A 61 17.10 10.98 -0.12
C ALA A 61 15.97 9.99 0.17
N THR A 62 15.19 10.31 1.21
CA THR A 62 14.04 9.50 1.61
C THR A 62 12.74 10.29 1.50
N LYS A 63 12.69 11.28 0.62
CA LYS A 63 11.55 12.18 0.55
C LYS A 63 11.38 12.66 -0.87
N TYR A 64 10.14 12.68 -1.34
CA TYR A 64 9.84 13.30 -2.63
C TYR A 64 10.14 14.79 -2.56
N ALA A 65 10.88 15.29 -3.54
CA ALA A 65 11.34 16.67 -3.51
C ALA A 65 10.22 17.62 -3.94
N ASN A 66 10.53 18.91 -3.94
CA ASN A 66 9.56 19.92 -4.33
C ASN A 66 9.18 19.76 -5.80
N SER A 67 7.95 20.17 -6.11
CA SER A 67 7.51 20.25 -7.49
C SER A 67 7.79 21.64 -8.04
N CYS A 68 8.10 21.70 -9.33
CA CYS A 68 8.42 23.00 -9.90
CA CYS A 68 8.39 22.97 -10.00
C CYS A 68 7.19 23.89 -9.94
N MET A 69 7.45 25.19 -9.98
CA MET A 69 6.38 26.19 -9.95
C MET A 69 5.47 26.02 -11.18
N GLN A 70 4.17 25.90 -10.93
CA GLN A 70 3.20 25.69 -12.00
C GLN A 70 1.82 26.02 -11.47
N ASN A 71 0.92 26.34 -12.40
CA ASN A 71 -0.48 26.51 -12.06
C ASN A 71 -1.13 25.14 -11.88
N ILE A 72 -2.21 25.12 -11.10
CA ILE A 72 -2.89 23.88 -10.74
C ILE A 72 -4.25 23.86 -11.42
N ASP A 73 -4.62 22.69 -11.94
CA ASP A 73 -5.95 22.53 -12.53
C ASP A 73 -7.01 22.60 -11.44
N THR A 74 -7.87 23.62 -11.52
CA THR A 74 -8.96 23.81 -10.57
C THR A 74 -10.31 23.81 -11.26
N SER A 75 -10.39 23.32 -12.50
CA SER A 75 -11.64 23.36 -13.25
C SER A 75 -12.71 22.49 -12.59
N PHE A 76 -12.31 21.47 -11.84
CA PHE A 76 -13.25 20.58 -11.17
C PHE A 76 -12.76 20.31 -9.75
N PRO A 77 -13.27 21.05 -8.76
CA PRO A 77 -12.84 20.81 -7.38
C PRO A 77 -13.28 19.44 -6.88
N GLY A 78 -12.35 18.73 -6.25
CA GLY A 78 -12.63 17.42 -5.69
C GLY A 78 -12.66 16.27 -6.69
N PHE A 79 -12.68 16.56 -7.99
CA PHE A 79 -12.73 15.50 -8.98
C PHE A 79 -11.37 14.82 -9.09
N HIS A 80 -11.35 13.51 -8.86
CA HIS A 80 -10.09 12.76 -8.90
C HIS A 80 -9.53 12.64 -10.32
N GLY A 81 -10.38 12.74 -11.34
CA GLY A 81 -9.89 12.59 -12.70
C GLY A 81 -9.00 13.72 -13.17
N SER A 82 -9.17 14.91 -12.60
CA SER A 82 -8.36 16.06 -12.95
C SER A 82 -7.34 16.45 -11.89
N GLU A 83 -7.63 16.19 -10.61
CA GLU A 83 -6.70 16.52 -9.54
C GLU A 83 -5.61 15.48 -9.34
N MET A 84 -5.77 14.29 -9.92
CA MET A 84 -4.70 13.29 -9.86
C MET A 84 -3.45 13.74 -10.61
N TRP A 85 -3.58 14.72 -11.49
CA TRP A 85 -2.46 15.28 -12.23
C TRP A 85 -1.88 16.53 -11.58
N ASN A 86 -2.40 16.92 -10.40
CA ASN A 86 -1.90 18.06 -9.66
C ASN A 86 -0.72 17.66 -8.78
N PRO A 87 0.22 18.57 -8.54
CA PRO A 87 1.42 18.21 -7.77
C PRO A 87 1.07 17.81 -6.35
N ASN A 88 1.80 16.81 -5.84
CA ASN A 88 1.59 16.29 -4.50
C ASN A 88 2.71 16.66 -3.54
N THR A 89 3.55 17.63 -3.90
CA THR A 89 4.57 18.16 -3.02
C THR A 89 4.55 19.68 -3.10
N ASP A 90 5.37 20.31 -2.25
CA ASP A 90 5.40 21.77 -2.20
C ASP A 90 5.91 22.35 -3.52
N LEU A 91 5.31 23.46 -3.94
CA LEU A 91 5.71 24.16 -5.15
C LEU A 91 6.83 25.14 -4.83
N SER A 92 7.93 25.04 -5.56
CA SER A 92 9.08 25.89 -5.31
C SER A 92 9.94 25.94 -6.57
N GLU A 93 10.69 27.03 -6.70
CA GLU A 93 11.67 27.12 -7.78
C GLU A 93 12.84 26.17 -7.55
N ASP A 94 13.13 25.86 -6.28
CA ASP A 94 14.13 24.86 -5.91
C ASP A 94 13.49 23.50 -6.13
N CYS A 95 13.65 22.96 -7.36
CA CYS A 95 12.92 21.76 -7.75
C CYS A 95 13.73 20.83 -8.65
N LEU A 96 15.01 21.11 -8.89
CA LEU A 96 15.82 20.26 -9.79
C LEU A 96 16.34 19.07 -9.00
N TYR A 97 15.48 18.05 -8.87
CA TYR A 97 15.82 16.84 -8.15
C TYR A 97 15.37 15.63 -8.96
N LEU A 98 15.93 14.47 -8.64
CA LEU A 98 15.60 13.24 -9.36
C LEU A 98 15.44 12.08 -8.38
N ASN A 99 14.77 11.03 -8.84
CA ASN A 99 14.49 9.84 -8.05
C ASN A 99 15.08 8.62 -8.75
N VAL A 100 15.52 7.65 -7.94
CA VAL A 100 16.08 6.39 -8.44
C VAL A 100 15.44 5.23 -7.67
N TRP A 101 14.92 4.25 -8.41
CA TRP A 101 14.42 3.00 -7.84
C TRP A 101 15.31 1.87 -8.31
N ILE A 102 15.80 1.06 -7.38
CA ILE A 102 16.78 0.02 -7.64
C ILE A 102 16.23 -1.31 -7.14
N PRO A 103 16.25 -2.37 -7.93
CA PRO A 103 15.78 -3.67 -7.44
C PRO A 103 16.74 -4.24 -6.39
N ALA A 104 16.17 -4.90 -5.38
CA ALA A 104 16.95 -5.54 -4.35
C ALA A 104 16.92 -7.05 -4.53
N PRO A 105 18.08 -7.74 -4.43
CA PRO A 105 19.39 -7.19 -4.10
C PRO A 105 19.99 -6.34 -5.23
N LYS A 106 20.99 -5.53 -4.88
CA LYS A 106 21.60 -4.59 -5.81
C LYS A 106 22.06 -5.31 -7.08
N PRO A 107 21.58 -4.90 -8.25
CA PRO A 107 21.94 -5.58 -9.49
C PRO A 107 23.28 -5.08 -10.02
N LYS A 108 23.70 -5.68 -11.14
CA LYS A 108 24.94 -5.31 -11.81
C LYS A 108 24.66 -5.16 -13.29
N ASN A 109 25.04 -4.01 -13.85
CA ASN A 109 24.83 -3.69 -15.27
C ASN A 109 23.35 -3.71 -15.64
N ALA A 110 22.51 -3.19 -14.74
CA ALA A 110 21.07 -3.22 -14.95
C ALA A 110 20.64 -2.21 -16.00
N THR A 111 19.63 -2.59 -16.79
CA THR A 111 19.01 -1.66 -17.71
C THR A 111 18.32 -0.54 -16.94
N VAL A 112 18.40 0.68 -17.47
CA VAL A 112 17.83 1.86 -16.84
C VAL A 112 16.70 2.39 -17.71
N MET A 113 15.59 2.76 -17.06
CA MET A 113 14.46 3.40 -17.72
C MET A 113 14.24 4.76 -17.08
N VAL A 114 14.26 5.82 -17.89
CA VAL A 114 14.17 7.19 -17.40
C VAL A 114 12.84 7.77 -17.84
N TRP A 115 12.02 8.17 -16.86
CA TRP A 115 10.69 8.70 -17.12
C TRP A 115 10.74 10.22 -17.21
N ILE A 116 10.06 10.77 -18.22
CA ILE A 116 9.90 12.20 -18.40
C ILE A 116 8.41 12.48 -18.46
N TYR A 117 7.88 13.15 -17.44
CA TYR A 117 6.44 13.34 -17.33
C TYR A 117 5.94 14.37 -18.35
N GLY A 118 4.63 14.39 -18.55
CA GLY A 118 3.98 15.36 -19.40
C GLY A 118 3.29 16.44 -18.60
N GLY A 119 2.42 17.18 -19.29
CA GLY A 119 1.72 18.29 -18.68
C GLY A 119 1.65 19.52 -19.57
N GLY A 120 1.74 19.31 -20.87
CA GLY A 120 1.70 20.42 -21.82
C GLY A 120 2.81 21.42 -21.67
N PHE A 121 3.93 21.01 -21.08
CA PHE A 121 5.07 21.88 -20.78
C PHE A 121 4.74 23.00 -19.81
N GLN A 122 3.56 22.97 -19.19
CA GLN A 122 3.16 23.95 -18.19
C GLN A 122 2.98 23.36 -16.80
N THR A 123 2.82 22.04 -16.68
CA THR A 123 2.54 21.40 -15.41
C THR A 123 3.31 20.08 -15.35
N GLY A 124 3.17 19.37 -14.23
CA GLY A 124 3.74 18.05 -14.09
C GLY A 124 4.78 17.93 -13.01
N THR A 125 4.89 16.74 -12.43
CA THR A 125 5.93 16.43 -11.46
C THR A 125 6.16 14.92 -11.46
N SER A 126 7.38 14.54 -11.09
CA SER A 126 7.77 13.13 -11.13
C SER A 126 7.30 12.35 -9.90
N SER A 127 6.74 13.03 -8.90
CA SER A 127 6.37 12.40 -7.65
C SER A 127 4.92 11.91 -7.62
N LEU A 128 4.20 12.03 -8.72
CA LEU A 128 2.83 11.55 -8.77
C LEU A 128 2.80 10.04 -8.51
N PRO A 129 1.84 9.54 -7.72
CA PRO A 129 1.77 8.10 -7.49
C PRO A 129 1.62 7.28 -8.76
N VAL A 130 1.14 7.89 -9.84
CA VAL A 130 1.00 7.17 -11.11
C VAL A 130 2.32 7.02 -11.84
N TYR A 131 3.39 7.66 -11.36
CA TYR A 131 4.73 7.51 -11.95
C TYR A 131 5.69 6.76 -11.05
N ASP A 132 5.22 6.14 -9.97
CA ASP A 132 6.10 5.46 -9.04
C ASP A 132 6.73 4.24 -9.72
N GLY A 133 8.07 4.23 -9.79
CA GLY A 133 8.77 3.17 -10.48
C GLY A 133 9.23 2.00 -9.62
N LYS A 134 8.67 1.86 -8.41
CA LYS A 134 9.05 0.73 -7.58
C LYS A 134 8.44 -0.57 -8.08
N PHE A 135 7.28 -0.49 -8.76
CA PHE A 135 6.68 -1.69 -9.32
C PHE A 135 7.48 -2.20 -10.51
N LEU A 136 7.91 -1.30 -11.40
CA LEU A 136 8.73 -1.69 -12.53
C LEU A 136 10.06 -2.26 -12.06
N ALA A 137 10.67 -1.65 -11.02
CA ALA A 137 11.93 -2.16 -10.50
C ALA A 137 11.75 -3.52 -9.85
N ARG A 138 10.62 -3.74 -9.18
CA ARG A 138 10.37 -5.00 -8.50
C ARG A 138 10.09 -6.12 -9.50
N VAL A 139 9.20 -5.86 -10.45
CA VAL A 139 8.72 -6.93 -11.34
C VAL A 139 9.69 -7.18 -12.48
N GLU A 140 10.21 -6.13 -13.11
CA GLU A 140 11.03 -6.26 -14.29
C GLU A 140 12.52 -6.14 -14.03
N ARG A 141 12.91 -5.83 -12.78
CA ARG A 141 14.33 -5.78 -12.38
C ARG A 141 15.10 -4.72 -13.18
N VAL A 142 14.43 -3.61 -13.48
CA VAL A 142 15.08 -2.48 -14.13
C VAL A 142 15.24 -1.37 -13.12
N ILE A 143 16.18 -0.46 -13.40
CA ILE A 143 16.35 0.75 -12.61
C ILE A 143 15.53 1.85 -13.24
N VAL A 144 14.63 2.45 -12.46
CA VAL A 144 13.75 3.51 -12.93
C VAL A 144 14.26 4.84 -12.37
N VAL A 145 14.51 5.80 -13.25
CA VAL A 145 14.92 7.15 -12.87
C VAL A 145 13.80 8.12 -13.22
N SER A 146 13.56 9.06 -12.32
CA SER A 146 12.52 10.07 -12.49
C SER A 146 13.14 11.43 -12.25
N MET A 147 12.57 12.46 -12.86
CA MET A 147 13.20 13.77 -12.83
C MET A 147 12.13 14.86 -12.85
N ASN A 148 12.44 15.97 -12.20
CA ASN A 148 11.62 17.18 -12.26
C ASN A 148 12.37 18.24 -13.05
N TYR A 149 11.66 18.89 -13.97
CA TYR A 149 12.22 19.95 -14.79
C TYR A 149 11.27 21.14 -14.78
N ARG A 150 11.83 22.33 -14.94
CA ARG A 150 11.04 23.55 -14.90
C ARG A 150 10.04 23.60 -16.05
N VAL A 151 8.85 24.12 -15.78
CA VAL A 151 7.79 24.25 -16.76
C VAL A 151 7.36 25.71 -16.82
N GLY A 152 6.49 26.02 -17.79
CA GLY A 152 6.02 27.38 -17.94
C GLY A 152 7.14 28.32 -18.37
N ALA A 153 6.98 29.60 -18.02
CA ALA A 153 7.98 30.59 -18.37
C ALA A 153 9.30 30.33 -17.66
N LEU A 154 9.23 29.85 -16.41
CA LEU A 154 10.46 29.56 -15.67
C LEU A 154 11.31 28.49 -16.34
N GLY A 155 10.77 27.74 -17.29
CA GLY A 155 11.51 26.70 -17.95
C GLY A 155 11.65 26.87 -19.45
N PHE A 156 10.87 27.79 -20.05
CA PHE A 156 10.88 27.94 -21.49
C PHE A 156 10.74 29.39 -21.97
N LEU A 157 10.80 30.37 -21.07
CA LEU A 157 10.95 31.76 -21.47
C LEU A 157 12.15 31.90 -22.38
N ALA A 158 11.94 32.41 -23.59
CA ALA A 158 12.94 32.35 -24.64
C ALA A 158 13.31 33.73 -25.14
N LEU A 159 14.61 34.05 -25.09
CA LEU A 159 15.20 35.16 -25.84
C LEU A 159 16.36 34.55 -26.61
N PRO A 160 16.13 34.16 -27.86
CA PRO A 160 17.12 33.36 -28.60
C PRO A 160 18.47 34.05 -28.66
N GLY A 161 19.52 33.31 -28.29
CA GLY A 161 20.88 33.83 -28.27
C GLY A 161 21.28 34.51 -26.98
N ASN A 162 20.34 34.72 -26.06
CA ASN A 162 20.63 35.40 -24.81
C ASN A 162 20.84 34.37 -23.71
N PRO A 163 22.05 34.23 -23.15
CA PRO A 163 22.27 33.22 -22.11
C PRO A 163 21.54 33.50 -20.80
N GLU A 164 20.91 34.68 -20.65
CA GLU A 164 20.12 34.96 -19.47
C GLU A 164 18.75 34.29 -19.54
N ALA A 165 18.24 34.05 -20.75
CA ALA A 165 16.98 33.36 -20.97
C ALA A 165 16.97 32.79 -22.38
N PRO A 166 17.74 31.73 -22.64
CA PRO A 166 17.92 31.28 -24.04
C PRO A 166 16.78 30.43 -24.58
N GLY A 167 15.88 29.96 -23.72
CA GLY A 167 14.85 29.03 -24.15
C GLY A 167 15.26 27.58 -23.95
N ASN A 168 14.26 26.70 -23.99
CA ASN A 168 14.45 25.26 -23.86
C ASN A 168 15.16 24.89 -22.56
N MET A 169 14.99 25.69 -21.52
CA MET A 169 15.67 25.42 -20.25
C MET A 169 15.18 24.11 -19.64
N GLY A 170 13.88 23.82 -19.77
CA GLY A 170 13.35 22.58 -19.23
C GLY A 170 13.94 21.36 -19.91
N LEU A 171 14.21 21.46 -21.23
CA LEU A 171 14.88 20.38 -21.92
C LEU A 171 16.33 20.25 -21.50
N PHE A 172 16.96 21.35 -21.09
CA PHE A 172 18.31 21.29 -20.54
C PHE A 172 18.31 20.78 -19.12
N ASP A 173 17.22 20.99 -18.38
CA ASP A 173 17.07 20.37 -17.07
C ASP A 173 17.04 18.86 -17.20
N GLN A 174 16.23 18.35 -18.15
CA GLN A 174 16.18 16.91 -18.38
C GLN A 174 17.53 16.37 -18.85
N GLN A 175 18.25 17.16 -19.66
CA GLN A 175 19.53 16.69 -20.20
C GLN A 175 20.58 16.56 -19.11
N LEU A 176 20.59 17.49 -18.14
CA LEU A 176 21.56 17.40 -17.05
C LEU A 176 21.25 16.23 -16.13
N ALA A 177 19.97 15.95 -15.91
CA ALA A 177 19.60 14.75 -15.18
C ALA A 177 20.05 13.49 -15.92
N LEU A 178 20.02 13.51 -17.25
CA LEU A 178 20.59 12.42 -18.02
C LEU A 178 22.11 12.38 -17.88
N LYS A 179 22.75 13.54 -17.75
CA LYS A 179 24.19 13.58 -17.50
C LYS A 179 24.52 13.00 -16.12
N TRP A 180 23.66 13.28 -15.13
CA TRP A 180 23.86 12.70 -13.81
C TRP A 180 23.79 11.18 -13.86
N VAL A 181 22.86 10.63 -14.65
CA VAL A 181 22.74 9.18 -14.78
C VAL A 181 24.01 8.59 -15.38
N GLN A 182 24.54 9.24 -16.43
CA GLN A 182 25.77 8.76 -17.04
C GLN A 182 26.92 8.72 -16.05
N ASP A 183 26.96 9.67 -15.11
CA ASP A 183 28.07 9.79 -14.17
C ASP A 183 27.89 8.97 -12.90
N ASN A 184 26.66 8.62 -12.52
CA ASN A 184 26.41 8.03 -11.21
C ASN A 184 25.64 6.74 -11.21
N ILE A 185 24.96 6.37 -12.30
CA ILE A 185 24.09 5.19 -12.25
C ILE A 185 24.88 3.90 -12.04
N ALA A 186 26.17 3.87 -12.39
CA ALA A 186 26.96 2.67 -12.16
C ALA A 186 27.11 2.37 -10.68
N ALA A 187 27.14 3.40 -9.83
CA ALA A 187 27.22 3.18 -8.39
C ALA A 187 25.94 2.55 -7.85
N PHE A 188 24.81 2.76 -8.52
CA PHE A 188 23.53 2.18 -8.13
C PHE A 188 23.30 0.82 -8.76
N GLY A 189 24.19 0.35 -9.61
CA GLY A 189 24.06 -0.94 -10.24
C GLY A 189 23.59 -0.92 -11.68
N GLY A 190 23.63 0.22 -12.35
CA GLY A 190 23.11 0.33 -13.69
C GLY A 190 24.14 0.47 -14.78
N ASP A 191 23.73 0.21 -16.02
CA ASP A 191 24.60 0.36 -17.18
C ASP A 191 24.29 1.69 -17.86
N PRO A 192 25.17 2.68 -17.81
CA PRO A 192 24.91 3.94 -18.52
C PRO A 192 24.79 3.78 -20.03
N ASN A 193 25.28 2.68 -20.60
CA ASN A 193 25.12 2.39 -22.02
C ASN A 193 23.87 1.54 -22.30
N ARG A 194 22.91 1.55 -21.39
CA ARG A 194 21.71 0.74 -21.53
C ARG A 194 20.51 1.48 -20.96
N VAL A 195 20.39 2.76 -21.32
CA VAL A 195 19.37 3.65 -20.77
C VAL A 195 18.32 3.90 -21.84
N THR A 196 17.05 3.77 -21.46
CA THR A 196 15.92 4.02 -22.34
C THR A 196 15.08 5.15 -21.77
N LEU A 197 14.81 6.16 -22.58
CA LEU A 197 13.91 7.24 -22.20
C LEU A 197 12.48 6.87 -22.55
N PHE A 198 11.57 7.03 -21.59
CA PHE A 198 10.15 6.87 -21.88
C PHE A 198 9.37 7.99 -21.20
N GLY A 199 8.33 8.46 -21.87
CA GLY A 199 7.55 9.58 -21.38
C GLY A 199 6.22 9.64 -22.11
N GLU A 200 5.36 10.51 -21.60
CA GLU A 200 3.99 10.61 -22.10
C GLU A 200 3.65 12.07 -22.35
N SER A 201 2.84 12.31 -23.40
CA SER A 201 2.33 13.64 -23.75
C SER A 201 3.51 14.58 -23.97
N ALA A 202 3.62 15.68 -23.23
CA ALA A 202 4.79 16.55 -23.37
C ALA A 202 6.08 15.86 -23.00
N GLY A 203 6.02 14.82 -22.18
CA GLY A 203 7.20 14.01 -21.92
C GLY A 203 7.62 13.18 -23.11
N ALA A 204 6.66 12.76 -23.94
CA ALA A 204 6.99 12.02 -25.14
C ALA A 204 7.59 12.94 -26.21
N ALA A 205 7.04 14.15 -26.33
CA ALA A 205 7.68 15.15 -27.18
C ALA A 205 9.08 15.47 -26.68
N SER A 206 9.26 15.56 -25.36
CA SER A 206 10.59 15.77 -24.80
C SER A 206 11.53 14.63 -25.16
N VAL A 207 11.04 13.39 -25.05
CA VAL A 207 11.87 12.22 -25.37
C VAL A 207 12.31 12.28 -26.83
N SER A 208 11.37 12.55 -27.74
CA SER A 208 11.70 12.62 -29.15
C SER A 208 12.60 13.82 -29.44
N LEU A 209 12.49 14.90 -28.67
CA LEU A 209 13.38 16.04 -28.85
C LEU A 209 14.81 15.69 -28.47
N HIS A 210 15.00 14.80 -27.50
CA HIS A 210 16.34 14.31 -27.20
C HIS A 210 16.89 13.45 -28.34
N LEU A 211 16.00 12.76 -29.07
CA LEU A 211 16.43 12.05 -30.27
C LEU A 211 16.92 13.01 -31.35
N LEU A 212 16.42 14.25 -31.33
CA LEU A 212 16.79 15.25 -32.31
C LEU A 212 17.87 16.21 -31.82
N SER A 213 18.31 16.05 -30.57
CA SER A 213 19.33 16.93 -30.01
C SER A 213 20.65 16.18 -29.95
N PRO A 214 21.65 16.52 -30.76
CA PRO A 214 22.91 15.77 -30.75
C PRO A 214 23.59 15.75 -29.39
N GLY A 215 23.40 16.78 -28.56
CA GLY A 215 24.02 16.80 -27.24
C GLY A 215 23.49 15.73 -26.30
N SER A 216 22.30 15.20 -26.55
CA SER A 216 21.72 14.17 -25.70
C SER A 216 21.98 12.76 -26.23
N HIS A 217 22.58 12.63 -27.42
CA HIS A 217 22.72 11.31 -28.04
C HIS A 217 23.49 10.32 -27.20
N PRO A 218 24.68 10.62 -26.66
CA PRO A 218 25.38 9.65 -25.82
C PRO A 218 24.82 9.49 -24.41
N LEU A 219 23.71 10.15 -24.10
CA LEU A 219 23.12 10.08 -22.76
C LEU A 219 22.00 9.04 -22.64
N PHE A 220 21.65 8.36 -23.73
CA PHE A 220 20.65 7.30 -23.67
C PHE A 220 20.85 6.38 -24.86
N THR A 221 20.14 5.25 -24.83
CA THR A 221 20.24 4.23 -25.87
C THR A 221 19.00 4.13 -26.74
N ARG A 222 17.82 4.01 -26.13
CA ARG A 222 16.57 3.86 -26.86
C ARG A 222 15.53 4.82 -26.30
N ALA A 223 14.37 4.86 -26.95
CA ALA A 223 13.34 5.83 -26.62
C ALA A 223 11.96 5.19 -26.76
N ILE A 224 11.05 5.57 -25.86
CA ILE A 224 9.66 5.14 -25.90
C ILE A 224 8.77 6.38 -25.89
N LEU A 225 7.89 6.48 -26.89
CA LEU A 225 7.04 7.65 -27.09
C LEU A 225 5.59 7.25 -26.85
N GLN A 226 5.00 7.75 -25.76
CA GLN A 226 3.62 7.45 -25.38
C GLN A 226 2.76 8.68 -25.63
N SER A 227 1.91 8.62 -26.65
CA SER A 227 0.93 9.68 -26.94
C SER A 227 1.60 11.05 -27.05
N GLY A 228 2.59 11.14 -27.93
CA GLY A 228 3.28 12.40 -28.16
C GLY A 228 4.56 12.26 -28.96
N SER A 229 4.94 13.32 -29.67
CA SER A 229 6.13 13.29 -30.49
C SER A 229 6.56 14.73 -30.78
N ALA A 230 7.85 14.88 -31.11
CA ALA A 230 8.40 16.22 -31.32
C ALA A 230 7.78 16.93 -32.50
N ASN A 231 7.25 16.17 -33.47
CA ASN A 231 6.64 16.76 -34.66
C ASN A 231 5.15 17.03 -34.51
N ALA A 232 4.60 16.82 -33.31
CA ALA A 232 3.21 17.19 -33.07
C ALA A 232 3.05 18.69 -33.21
N PRO A 233 1.89 19.15 -33.69
CA PRO A 233 1.71 20.59 -33.92
C PRO A 233 1.87 21.45 -32.68
N TRP A 234 1.66 20.89 -31.49
CA TRP A 234 1.76 21.65 -30.25
C TRP A 234 3.15 21.60 -29.63
N ALA A 235 4.07 20.78 -30.18
CA ALA A 235 5.32 20.49 -29.48
C ALA A 235 6.30 21.65 -29.54
N VAL A 236 6.69 22.07 -30.74
CA VAL A 236 7.75 23.05 -30.92
C VAL A 236 7.17 24.29 -31.59
N MET A 237 7.30 25.44 -30.94
CA MET A 237 6.88 26.72 -31.48
C MET A 237 8.08 27.45 -32.08
N SER A 238 7.79 28.39 -32.96
CA SER A 238 8.83 29.05 -33.72
C SER A 238 9.55 30.06 -32.84
N PRO A 239 10.83 30.34 -33.13
CA PRO A 239 11.60 31.21 -32.23
C PRO A 239 11.03 32.62 -32.11
N GLU A 240 10.48 33.18 -33.20
CA GLU A 240 9.88 34.50 -33.10
C GLU A 240 8.53 34.45 -32.41
N GLU A 241 7.84 33.32 -32.45
CA GLU A 241 6.62 33.18 -31.67
C GLU A 241 6.94 33.04 -30.19
N ALA A 242 8.00 32.30 -29.86
CA ALA A 242 8.44 32.23 -28.47
C ALA A 242 8.95 33.58 -27.98
N ARG A 243 9.60 34.35 -28.85
CA ARG A 243 10.09 35.66 -28.47
C ARG A 243 8.93 36.63 -28.23
N ASN A 244 7.90 36.56 -29.06
CA ASN A 244 6.75 37.44 -28.89
C ASN A 244 6.02 37.16 -27.57
N ARG A 245 6.03 35.92 -27.11
CA ARG A 245 5.39 35.59 -25.84
C ARG A 245 6.23 36.05 -24.65
N THR A 246 7.55 36.18 -24.82
CA THR A 246 8.38 36.74 -23.76
C THR A 246 8.06 38.22 -23.55
N LEU A 247 7.97 38.99 -24.64
CA LEU A 247 7.62 40.40 -24.53
C LEU A 247 6.23 40.59 -23.94
N ASN A 248 5.25 39.82 -24.41
CA ASN A 248 3.89 39.95 -23.91
C ASN A 248 3.83 39.72 -22.41
N LEU A 249 4.52 38.68 -21.93
CA LEU A 249 4.59 38.45 -20.48
C LEU A 249 5.27 39.61 -19.78
N ALA A 250 6.36 40.13 -20.37
CA ALA A 250 7.02 41.30 -19.78
C ALA A 250 6.11 42.51 -19.80
N LYS A 251 5.32 42.67 -20.86
CA LYS A 251 4.40 43.79 -20.95
C LYS A 251 3.26 43.64 -19.94
N LEU A 252 2.79 42.41 -19.73
CA LEU A 252 1.74 42.18 -18.73
C LEU A 252 2.23 42.50 -17.32
N LEU A 253 3.51 42.25 -17.04
CA LEU A 253 4.08 42.47 -15.72
C LEU A 253 4.77 43.82 -15.58
N GLY A 254 4.63 44.71 -16.57
CA GLY A 254 5.26 46.00 -16.51
C GLY A 254 6.76 45.97 -16.64
N CYS A 255 7.32 44.90 -17.22
CA CYS A 255 8.76 44.76 -17.39
C CYS A 255 9.23 45.09 -18.79
N SER A 256 8.39 45.74 -19.60
CA SER A 256 8.81 46.15 -20.93
C SER A 256 9.97 47.13 -20.83
N ARG A 257 11.07 46.80 -21.51
CA ARG A 257 12.29 47.59 -21.40
C ARG A 257 12.91 47.81 -22.77
N GLU A 258 13.83 48.77 -22.80
CA GLU A 258 14.59 49.08 -24.00
C GLU A 258 15.55 47.95 -24.37
N ASN A 259 16.02 47.20 -23.38
CA ASN A 259 17.12 46.26 -23.55
C ASN A 259 16.68 44.85 -23.16
N GLU A 260 17.29 43.86 -23.79
CA GLU A 260 16.91 42.47 -23.57
C GLU A 260 17.17 42.03 -22.14
N THR A 261 18.42 42.17 -21.67
CA THR A 261 18.73 41.80 -20.30
C THR A 261 18.00 42.68 -19.30
N GLU A 262 17.65 43.91 -19.70
CA GLU A 262 16.82 44.75 -18.84
C GLU A 262 15.45 44.12 -18.60
N ILE A 263 14.92 43.40 -19.60
CA ILE A 263 13.67 42.69 -19.41
C ILE A 263 13.85 41.54 -18.43
N ILE A 264 14.94 40.78 -18.58
CA ILE A 264 15.19 39.64 -17.70
C ILE A 264 15.41 40.10 -16.27
N LYS A 265 16.14 41.20 -16.09
CA LYS A 265 16.41 41.71 -14.74
C LYS A 265 15.12 42.07 -14.03
N CYS A 266 14.15 42.64 -14.74
CA CYS A 266 12.88 42.97 -14.13
C CYS A 266 12.08 41.70 -13.82
N LEU A 267 12.05 40.75 -14.75
CA LEU A 267 11.31 39.51 -14.52
C LEU A 267 11.90 38.70 -13.37
N ARG A 268 13.22 38.79 -13.17
CA ARG A 268 13.84 38.09 -12.05
C ARG A 268 13.45 38.69 -10.70
N ASN A 269 12.95 39.91 -10.69
CA ASN A 269 12.55 40.57 -9.45
C ASN A 269 11.10 40.27 -9.05
N LYS A 270 10.26 39.85 -10.00
CA LYS A 270 8.88 39.55 -9.69
C LYS A 270 8.77 38.21 -8.98
N ASP A 271 7.71 38.07 -8.18
CA ASP A 271 7.46 36.81 -7.48
C ASP A 271 7.15 35.71 -8.50
N PRO A 272 7.55 34.47 -8.22
CA PRO A 272 7.22 33.37 -9.14
C PRO A 272 5.73 33.22 -9.40
N GLN A 273 4.89 33.53 -8.42
CA GLN A 273 3.45 33.46 -8.63
C GLN A 273 2.96 34.56 -9.57
N GLU A 274 3.62 35.72 -9.56
CA GLU A 274 3.25 36.80 -10.48
C GLU A 274 3.45 36.37 -11.93
N ILE A 275 4.50 35.59 -12.18
CA ILE A 275 4.72 35.07 -13.54
C ILE A 275 3.67 34.02 -13.87
N LEU A 276 3.41 33.10 -12.94
CA LEU A 276 2.42 32.05 -13.17
C LEU A 276 1.05 32.63 -13.46
N ASP A 277 0.70 33.76 -12.81
CA ASP A 277 -0.59 34.38 -12.97
C ASP A 277 -0.73 35.15 -14.28
N ASN A 278 0.27 35.11 -15.16
CA ASN A 278 0.24 35.87 -16.40
C ASN A 278 0.57 35.06 -17.65
N GLU A 279 1.04 33.82 -17.51
CA GLU A 279 1.39 33.03 -18.69
C GLU A 279 0.17 32.74 -19.57
N ALA A 280 -1.03 32.75 -19.01
CA ALA A 280 -2.21 32.41 -19.77
C ALA A 280 -2.63 33.50 -20.75
N PHE A 281 -2.11 34.72 -20.59
CA PHE A 281 -2.54 35.86 -21.38
C PHE A 281 -1.47 36.32 -22.38
N VAL A 282 -0.47 35.49 -22.67
CA VAL A 282 0.57 35.86 -23.63
C VAL A 282 0.26 35.38 -25.04
N VAL A 283 -0.80 34.61 -25.23
CA VAL A 283 -1.22 34.12 -26.54
C VAL A 283 -2.53 34.80 -26.90
N PRO A 284 -2.68 35.33 -28.13
CA PRO A 284 -3.93 36.01 -28.50
C PRO A 284 -5.15 35.10 -28.43
N TYR A 285 -5.23 34.12 -29.33
CA TYR A 285 -6.27 33.11 -29.29
C TYR A 285 -5.66 31.83 -28.74
N SER A 286 -6.09 31.44 -27.54
CA SER A 286 -5.56 30.28 -26.85
C SER A 286 -6.52 29.10 -27.02
N THR A 287 -6.06 28.06 -27.71
CA THR A 287 -6.80 26.82 -27.79
C THR A 287 -6.52 25.97 -26.54
N PRO A 288 -7.41 25.03 -26.22
CA PRO A 288 -7.15 24.14 -25.08
C PRO A 288 -5.87 23.33 -25.21
N LEU A 289 -5.26 23.26 -26.39
CA LEU A 289 -3.97 22.62 -26.58
C LEU A 289 -2.86 23.64 -26.85
N SER A 290 -3.05 24.88 -26.42
CA SER A 290 -2.04 25.91 -26.61
C SER A 290 -0.96 25.80 -25.54
N VAL A 291 0.30 25.82 -25.97
CA VAL A 291 1.44 25.78 -25.07
C VAL A 291 1.88 27.22 -24.84
N ASN A 292 1.60 27.75 -23.64
CA ASN A 292 1.94 29.15 -23.35
C ASN A 292 3.43 29.38 -23.48
N PHE A 293 4.24 28.59 -22.79
CA PHE A 293 5.69 28.67 -22.92
C PHE A 293 6.23 27.25 -23.04
N GLY A 294 6.86 26.95 -24.17
CA GLY A 294 7.35 25.62 -24.42
C GLY A 294 8.61 25.60 -25.27
N PRO A 295 8.94 24.42 -25.80
CA PRO A 295 10.15 24.30 -26.62
C PRO A 295 10.10 25.17 -27.87
N THR A 296 11.28 25.58 -28.31
CA THR A 296 11.42 26.38 -29.52
C THR A 296 12.74 26.03 -30.18
N VAL A 297 13.00 26.66 -31.33
CA VAL A 297 14.27 26.52 -32.02
C VAL A 297 15.21 27.56 -31.42
N ASP A 298 16.03 27.15 -30.45
CA ASP A 298 16.94 28.05 -29.76
C ASP A 298 18.34 28.05 -30.36
N GLY A 299 18.64 27.16 -31.30
CA GLY A 299 19.97 27.07 -31.86
C GLY A 299 20.97 26.29 -31.03
N ASP A 300 20.58 25.84 -29.83
CA ASP A 300 21.47 25.06 -28.97
C ASP A 300 20.94 23.64 -28.84
N PHE A 301 19.90 23.47 -28.02
CA PHE A 301 19.28 22.15 -27.87
C PHE A 301 18.65 21.69 -29.17
N LEU A 302 18.08 22.63 -29.93
CA LEU A 302 17.35 22.33 -31.16
C LEU A 302 17.73 23.36 -32.21
N THR A 303 18.37 22.90 -33.28
CA THR A 303 18.86 23.80 -34.32
C THR A 303 17.87 24.02 -35.46
N ASP A 304 16.78 23.26 -35.51
CA ASP A 304 15.80 23.41 -36.57
C ASP A 304 14.49 22.79 -36.12
N MET A 305 13.44 23.01 -36.90
CA MET A 305 12.15 22.41 -36.61
C MET A 305 12.23 20.90 -36.77
N PRO A 306 11.54 20.13 -35.92
CA PRO A 306 11.61 18.66 -36.03
C PRO A 306 11.26 18.12 -37.41
N ASP A 307 10.28 18.71 -38.08
CA ASP A 307 9.93 18.24 -39.44
C ASP A 307 11.11 18.38 -40.38
N THR A 308 11.88 19.47 -40.27
CA THR A 308 13.05 19.64 -41.11
C THR A 308 14.14 18.63 -40.74
N LEU A 309 14.38 18.43 -39.45
CA LEU A 309 15.42 17.49 -39.03
C LEU A 309 15.06 16.06 -39.40
N LEU A 310 13.78 15.69 -39.26
CA LEU A 310 13.36 14.34 -39.63
C LEU A 310 13.52 14.12 -41.13
N GLU A 311 13.15 15.12 -41.94
CA GLU A 311 13.29 14.99 -43.40
C GLU A 311 14.74 14.79 -43.81
N LEU A 312 15.65 15.53 -43.18
CA LEU A 312 17.07 15.41 -43.47
C LEU A 312 17.71 14.17 -42.85
N GLY A 313 16.96 13.39 -42.07
CA GLY A 313 17.51 12.22 -41.45
C GLY A 313 18.46 12.49 -40.30
N GLN A 314 18.45 13.70 -39.76
CA GLN A 314 19.37 14.09 -38.68
C GLN A 314 18.69 13.82 -37.35
N PHE A 315 18.87 12.59 -36.85
CA PHE A 315 18.37 12.21 -35.54
C PHE A 315 19.16 10.99 -35.07
N LYS A 316 18.98 10.64 -33.81
CA LYS A 316 19.69 9.52 -33.22
C LYS A 316 19.21 8.21 -33.83
N LYS A 317 20.11 7.48 -34.47
CA LYS A 317 19.78 6.21 -35.12
C LYS A 317 19.73 5.11 -34.07
N THR A 318 18.53 4.70 -33.70
CA THR A 318 18.33 3.63 -32.72
C THR A 318 16.90 3.14 -32.85
N GLN A 319 16.54 2.18 -31.99
CA GLN A 319 15.18 1.65 -31.97
C GLN A 319 14.28 2.51 -31.10
N ILE A 320 13.01 2.59 -31.49
CA ILE A 320 12.03 3.40 -30.77
C ILE A 320 10.72 2.61 -30.63
N LEU A 321 9.96 2.97 -29.61
CA LEU A 321 8.64 2.39 -29.36
C LEU A 321 7.64 3.54 -29.23
N VAL A 322 6.72 3.63 -30.18
CA VAL A 322 5.78 4.74 -30.28
C VAL A 322 4.37 4.19 -30.23
N GLY A 323 3.44 4.98 -29.68
CA GLY A 323 2.06 4.56 -29.65
C GLY A 323 1.16 5.63 -29.11
N VAL A 324 -0.14 5.44 -29.33
CA VAL A 324 -1.19 6.39 -28.93
C VAL A 324 -2.32 5.64 -28.27
N ASN A 325 -3.26 6.39 -27.72
CA ASN A 325 -4.48 5.85 -27.13
C ASN A 325 -5.63 6.03 -28.10
N LYS A 326 -6.71 5.26 -27.85
CA LYS A 326 -7.83 5.24 -28.78
C LYS A 326 -8.54 6.59 -28.86
N ASP A 327 -8.79 7.21 -27.71
CA ASP A 327 -9.54 8.46 -27.63
C ASP A 327 -8.63 9.54 -27.07
N GLU A 328 -7.74 10.05 -27.92
CA GLU A 328 -6.72 10.99 -27.48
C GLU A 328 -7.28 12.39 -27.28
N GLY A 329 -8.26 12.80 -28.08
CA GLY A 329 -8.74 14.16 -28.06
C GLY A 329 -9.95 14.45 -27.20
N THR A 330 -10.51 13.45 -26.52
CA THR A 330 -11.73 13.69 -25.73
C THR A 330 -11.46 14.53 -24.50
N ALA A 331 -10.28 14.39 -23.89
CA ALA A 331 -9.96 15.15 -22.68
C ALA A 331 -9.96 16.65 -22.94
N PHE A 332 -9.51 17.08 -24.12
CA PHE A 332 -9.39 18.50 -24.42
C PHE A 332 -10.70 19.12 -24.88
N LEU A 333 -11.67 18.31 -25.29
CA LEU A 333 -12.99 18.85 -25.64
C LEU A 333 -13.72 19.37 -24.40
N VAL A 334 -13.45 18.78 -23.23
CA VAL A 334 -14.11 19.23 -22.01
C VAL A 334 -13.58 20.60 -21.58
N TYR A 335 -12.32 20.89 -21.87
CA TYR A 335 -11.69 22.13 -21.41
C TYR A 335 -11.79 23.22 -22.48
N GLY A 336 -13.02 23.58 -22.83
CA GLY A 336 -13.26 24.77 -23.64
C GLY A 336 -14.03 24.56 -24.92
N ALA A 337 -14.36 23.33 -25.32
CA ALA A 337 -15.17 23.15 -26.52
C ALA A 337 -16.64 23.31 -26.17
N PRO A 338 -17.39 24.13 -26.90
CA PRO A 338 -18.79 24.40 -26.52
C PRO A 338 -19.65 23.16 -26.69
N GLY A 339 -20.44 22.86 -25.65
CA GLY A 339 -21.36 21.75 -25.66
C GLY A 339 -20.86 20.49 -25.00
N PHE A 340 -19.66 20.49 -24.45
CA PHE A 340 -19.08 19.30 -23.83
C PHE A 340 -19.00 19.48 -22.32
N SER A 341 -19.13 18.36 -21.62
CA SER A 341 -19.07 18.35 -20.16
C SER A 341 -18.85 16.93 -19.69
N LYS A 342 -18.16 16.81 -18.55
CA LYS A 342 -17.94 15.51 -17.95
C LYS A 342 -19.13 15.01 -17.15
N ASP A 343 -20.23 15.76 -17.13
CA ASP A 343 -21.41 15.42 -16.35
C ASP A 343 -22.61 15.03 -17.23
N ASN A 344 -22.41 14.88 -18.53
CA ASN A 344 -23.47 14.42 -19.42
C ASN A 344 -22.83 13.85 -20.68
N ASP A 345 -23.67 13.29 -21.55
CA ASP A 345 -23.20 12.59 -22.75
C ASP A 345 -22.67 13.52 -23.82
N SER A 346 -22.88 14.83 -23.70
CA SER A 346 -22.26 15.83 -24.56
C SER A 346 -22.61 15.61 -26.03
N ILE A 347 -23.88 15.37 -26.30
CA ILE A 347 -24.35 15.29 -27.67
C ILE A 347 -24.43 16.71 -28.24
N ILE A 348 -23.63 16.98 -29.27
CA ILE A 348 -23.50 18.33 -29.81
C ILE A 348 -24.12 18.38 -31.21
N THR A 349 -24.58 19.57 -31.57
CA THR A 349 -25.22 19.79 -32.87
C THR A 349 -24.16 19.91 -33.96
N ARG A 350 -24.61 20.19 -35.18
CA ARG A 350 -23.68 20.44 -36.28
C ARG A 350 -22.97 21.78 -36.09
N LYS A 351 -23.71 22.80 -35.65
CA LYS A 351 -23.10 24.11 -35.44
C LYS A 351 -22.14 24.11 -34.26
N GLU A 352 -22.47 23.36 -33.20
CA GLU A 352 -21.53 23.22 -32.09
C GLU A 352 -20.24 22.55 -32.53
N PHE A 353 -20.32 21.62 -33.47
CA PHE A 353 -19.12 21.05 -34.07
C PHE A 353 -18.33 22.11 -34.82
N GLN A 354 -19.03 23.01 -35.53
CA GLN A 354 -18.35 24.04 -36.29
C GLN A 354 -17.68 25.07 -35.37
N GLU A 355 -18.30 25.36 -34.23
CA GLU A 355 -17.65 26.22 -33.25
C GLU A 355 -16.46 25.52 -32.59
N GLY A 356 -16.55 24.20 -32.43
CA GLY A 356 -15.42 23.48 -31.88
C GLY A 356 -14.18 23.57 -32.74
N LEU A 357 -14.36 23.51 -34.07
CA LEU A 357 -13.21 23.63 -34.96
C LEU A 357 -12.64 25.04 -34.95
N LYS A 358 -13.46 26.05 -34.67
CA LYS A 358 -12.93 27.40 -34.50
C LYS A 358 -12.16 27.51 -33.19
N VAL A 359 -12.59 26.78 -32.16
CA VAL A 359 -11.88 26.78 -30.88
C VAL A 359 -10.48 26.18 -31.03
N PHE A 360 -10.36 25.11 -31.81
CA PHE A 360 -9.08 24.42 -31.96
C PHE A 360 -8.27 24.93 -33.15
N PHE A 361 -8.90 25.58 -34.12
CA PHE A 361 -8.23 26.07 -35.33
C PHE A 361 -8.62 27.52 -35.57
N PRO A 362 -8.13 28.45 -34.73
CA PRO A 362 -8.54 29.85 -34.89
C PRO A 362 -7.89 30.54 -36.08
N ASN A 363 -6.68 30.13 -36.47
CA ASN A 363 -5.98 30.76 -37.58
C ASN A 363 -6.33 30.11 -38.92
N VAL A 364 -7.13 29.06 -38.93
CA VAL A 364 -7.52 28.40 -40.17
C VAL A 364 -8.63 29.20 -40.83
N SER A 365 -8.53 29.39 -42.14
CA SER A 365 -9.51 30.16 -42.88
C SER A 365 -10.91 29.57 -42.68
N GLU A 366 -11.91 30.46 -42.73
CA GLU A 366 -13.30 30.00 -42.71
C GLU A 366 -13.53 28.95 -43.78
N PHE A 367 -12.81 29.04 -44.89
CA PHE A 367 -12.81 27.96 -45.84
C PHE A 367 -12.28 26.67 -45.22
N GLY A 368 -11.13 26.73 -44.54
CA GLY A 368 -10.41 25.53 -44.16
C GLY A 368 -11.15 24.63 -43.18
N LYS A 369 -11.97 25.22 -42.31
CA LYS A 369 -12.76 24.42 -41.39
C LYS A 369 -13.93 23.74 -42.08
N GLU A 370 -14.41 24.29 -43.19
CA GLU A 370 -15.36 23.55 -44.02
C GLU A 370 -14.72 22.31 -44.62
N SER A 371 -13.40 22.36 -44.85
CA SER A 371 -12.68 21.17 -45.31
C SER A 371 -12.61 20.11 -44.22
N ILE A 372 -12.35 20.52 -42.98
CA ILE A 372 -12.35 19.57 -41.86
C ILE A 372 -13.74 19.00 -41.64
N LEU A 373 -14.77 19.85 -41.84
CA LEU A 373 -16.16 19.39 -41.69
C LEU A 373 -16.47 18.28 -42.67
N PHE A 374 -16.07 18.46 -43.94
CA PHE A 374 -16.45 17.50 -44.98
C PHE A 374 -15.77 16.15 -44.77
N HIS A 375 -14.49 16.15 -44.40
CA HIS A 375 -13.73 14.90 -44.31
C HIS A 375 -14.14 14.06 -43.11
N TYR A 376 -14.84 14.63 -42.13
CA TYR A 376 -15.19 13.93 -40.90
C TYR A 376 -16.69 13.72 -40.73
N THR A 377 -17.49 13.95 -41.78
CA THR A 377 -18.93 13.79 -41.70
C THR A 377 -19.46 12.68 -42.60
N ASP A 378 -18.58 11.80 -43.08
CA ASP A 378 -18.99 10.65 -43.88
C ASP A 378 -19.51 9.56 -42.94
N TRP A 379 -20.69 9.81 -42.40
CA TRP A 379 -21.24 8.98 -41.33
C TRP A 379 -21.45 7.55 -41.80
N GLU A 380 -21.05 6.59 -40.96
CA GLU A 380 -21.43 5.20 -41.18
C GLU A 380 -22.94 5.04 -41.02
N ASP A 381 -23.45 5.34 -39.83
CA ASP A 381 -24.88 5.47 -39.59
C ASP A 381 -25.21 6.96 -39.59
N GLU A 382 -26.11 7.37 -40.48
CA GLU A 382 -26.44 8.78 -40.64
C GLU A 382 -27.22 9.34 -39.46
N ASP A 383 -27.77 8.48 -38.60
CA ASP A 383 -28.67 8.93 -37.54
C ASP A 383 -28.16 8.55 -36.15
N ARG A 384 -26.87 8.30 -35.99
CA ARG A 384 -26.30 8.16 -34.66
C ARG A 384 -26.27 9.54 -34.00
N PRO A 385 -26.96 9.73 -32.87
CA PRO A 385 -26.98 11.08 -32.28
C PRO A 385 -25.60 11.60 -31.89
N GLU A 386 -24.70 10.72 -31.46
CA GLU A 386 -23.37 11.15 -31.04
C GLU A 386 -22.41 11.15 -32.21
N ASN A 387 -22.91 11.40 -33.43
CA ASN A 387 -22.05 11.41 -34.60
C ASN A 387 -21.09 12.60 -34.55
N TYR A 388 -21.59 13.79 -34.20
CA TYR A 388 -20.73 14.97 -34.20
C TYR A 388 -19.81 15.00 -33.00
N ARG A 389 -20.27 14.51 -31.84
CA ARG A 389 -19.40 14.40 -30.68
C ARG A 389 -18.24 13.47 -30.96
N ASP A 390 -18.48 12.38 -31.67
CA ASP A 390 -17.40 11.46 -32.04
C ASP A 390 -16.45 12.10 -33.05
N ALA A 391 -16.99 12.92 -33.96
CA ALA A 391 -16.16 13.49 -35.02
C ALA A 391 -15.19 14.52 -34.47
N LEU A 392 -15.64 15.40 -33.58
CA LEU A 392 -14.74 16.39 -33.02
C LEU A 392 -13.65 15.77 -32.16
N ALA A 393 -13.97 14.67 -31.46
CA ALA A 393 -12.95 13.97 -30.69
C ALA A 393 -11.90 13.34 -31.60
N GLU A 394 -12.33 12.82 -32.75
CA GLU A 394 -11.38 12.24 -33.69
C GLU A 394 -10.57 13.31 -34.40
N VAL A 395 -11.13 14.50 -34.58
CA VAL A 395 -10.39 15.60 -35.19
C VAL A 395 -9.21 16.00 -34.32
N VAL A 396 -9.47 16.17 -33.02
CA VAL A 396 -8.40 16.55 -32.09
C VAL A 396 -7.41 15.41 -31.93
N GLY A 397 -7.90 14.17 -31.87
CA GLY A 397 -7.01 13.04 -31.68
C GLY A 397 -6.11 12.78 -32.87
N ASP A 398 -6.64 12.92 -34.09
CA ASP A 398 -5.85 12.62 -35.28
C ASP A 398 -4.80 13.68 -35.55
N TYR A 399 -5.20 14.96 -35.53
CA TYR A 399 -4.30 16.02 -35.94
C TYR A 399 -3.19 16.28 -34.91
N PHE A 400 -3.54 16.29 -33.63
CA PHE A 400 -2.61 16.73 -32.60
C PHE A 400 -1.77 15.60 -32.01
N PHE A 401 -2.14 14.34 -32.22
CA PHE A 401 -1.43 13.25 -31.54
C PHE A 401 -1.19 12.05 -32.45
N ILE A 402 -2.25 11.43 -32.96
CA ILE A 402 -2.13 10.14 -33.62
C ILE A 402 -1.30 10.25 -34.89
N CYS A 403 -1.72 11.10 -35.82
CA CYS A 403 -1.01 11.23 -37.09
C CYS A 403 0.43 11.70 -36.93
N PRO A 404 0.75 12.69 -36.09
CA PRO A 404 2.18 13.03 -35.89
C PRO A 404 2.98 11.90 -35.29
N ALA A 405 2.39 11.09 -34.41
CA ALA A 405 3.12 9.95 -33.86
C ALA A 405 3.44 8.93 -34.94
N LEU A 406 2.54 8.75 -35.91
CA LEU A 406 2.78 7.80 -36.99
C LEU A 406 3.85 8.31 -37.95
N GLU A 407 3.83 9.60 -38.25
CA GLU A 407 4.84 10.18 -39.13
C GLU A 407 6.23 10.10 -38.49
N PHE A 408 6.31 10.25 -37.17
CA PHE A 408 7.60 10.11 -36.49
C PHE A 408 8.12 8.68 -36.61
N ALA A 409 7.26 7.68 -36.39
CA ALA A 409 7.69 6.30 -36.53
C ALA A 409 7.96 5.93 -37.98
N LYS A 410 7.17 6.49 -38.90
CA LYS A 410 7.40 6.23 -40.32
C LYS A 410 8.76 6.76 -40.77
N LYS A 411 9.11 7.98 -40.34
CA LYS A 411 10.38 8.56 -40.74
C LYS A 411 11.56 7.81 -40.13
N TYR A 412 11.39 7.23 -38.95
CA TYR A 412 12.44 6.42 -38.37
C TYR A 412 12.61 5.12 -39.13
N ALA A 413 11.50 4.52 -39.57
CA ALA A 413 11.59 3.32 -40.39
C ALA A 413 12.15 3.62 -41.77
N GLU A 414 11.86 4.81 -42.32
CA GLU A 414 12.41 5.19 -43.61
C GLU A 414 13.92 5.26 -43.60
N HIS A 415 14.53 5.46 -42.43
CA HIS A 415 15.98 5.57 -42.31
C HIS A 415 16.59 4.31 -41.69
N GLY A 416 15.91 3.17 -41.83
CA GLY A 416 16.47 1.90 -41.42
C GLY A 416 16.51 1.65 -39.93
N ASN A 417 15.60 2.24 -39.16
CA ASN A 417 15.53 2.03 -37.72
C ASN A 417 14.30 1.22 -37.37
N ASN A 418 14.46 0.31 -36.42
CA ASN A 418 13.35 -0.53 -35.97
C ASN A 418 12.41 0.28 -35.09
N ALA A 419 11.14 0.34 -35.48
CA ALA A 419 10.11 1.02 -34.70
C ALA A 419 8.99 0.03 -34.40
N TYR A 420 8.37 0.21 -33.24
CA TYR A 420 7.27 -0.64 -32.79
C TYR A 420 6.12 0.26 -32.40
N PHE A 421 5.01 0.16 -33.11
CA PHE A 421 3.84 0.99 -32.86
C PHE A 421 2.76 0.20 -32.14
N TYR A 422 2.11 0.84 -31.17
CA TYR A 422 1.03 0.23 -30.41
C TYR A 422 -0.21 1.11 -30.46
N TYR A 423 -1.34 0.54 -30.03
CA TYR A 423 -2.64 1.21 -30.06
C TYR A 423 -3.38 0.76 -28.80
N PHE A 424 -3.25 1.56 -27.72
CA PHE A 424 -3.86 1.23 -26.44
C PHE A 424 -5.35 1.54 -26.49
N GLU A 425 -6.17 0.52 -26.25
CA GLU A 425 -7.61 0.64 -26.46
C GLU A 425 -8.39 -0.03 -25.34
N HIS A 426 -7.90 0.08 -24.11
CA HIS A 426 -8.61 -0.43 -22.94
C HIS A 426 -8.96 0.74 -22.02
N ARG A 427 -10.25 0.92 -21.76
CA ARG A 427 -10.69 1.91 -20.79
C ARG A 427 -10.55 1.33 -19.39
N SER A 428 -9.83 2.04 -18.53
CA SER A 428 -9.57 1.56 -17.18
C SER A 428 -10.87 1.46 -16.38
N SER A 429 -10.99 0.40 -15.58
CA SER A 429 -12.11 0.29 -14.67
C SER A 429 -12.05 1.37 -13.58
N LYS A 430 -10.86 1.90 -13.30
CA LYS A 430 -10.68 2.95 -12.30
C LYS A 430 -10.69 4.35 -12.90
N LEU A 431 -11.01 4.48 -14.19
CA LEU A 431 -11.02 5.78 -14.85
C LEU A 431 -12.14 6.65 -14.29
N PRO A 432 -11.83 7.80 -13.69
CA PRO A 432 -12.90 8.61 -13.08
C PRO A 432 -13.74 9.41 -14.05
N TRP A 433 -13.27 9.63 -15.28
CA TRP A 433 -14.01 10.43 -16.23
C TRP A 433 -15.17 9.64 -16.83
N PRO A 434 -16.17 10.32 -17.40
CA PRO A 434 -17.35 9.62 -17.93
C PRO A 434 -16.98 8.62 -19.02
N GLU A 435 -17.96 7.76 -19.32
CA GLU A 435 -17.72 6.63 -20.23
C GLU A 435 -17.60 7.09 -21.68
N TRP A 436 -18.21 8.22 -22.03
CA TRP A 436 -18.19 8.67 -23.42
C TRP A 436 -16.81 9.15 -23.85
N MET A 437 -15.96 9.55 -22.90
CA MET A 437 -14.62 10.01 -23.25
C MET A 437 -13.67 8.88 -23.60
N GLY A 438 -14.02 7.64 -23.26
CA GLY A 438 -13.29 6.48 -23.74
C GLY A 438 -11.89 6.36 -23.17
N VAL A 439 -11.02 5.69 -23.94
CA VAL A 439 -9.62 5.51 -23.57
C VAL A 439 -8.90 6.85 -23.73
N MET A 440 -8.80 7.59 -22.65
CA MET A 440 -8.43 9.00 -22.70
C MET A 440 -6.92 9.21 -22.73
N HIS A 441 -6.54 10.44 -23.04
CA HIS A 441 -5.15 10.86 -22.99
C HIS A 441 -4.60 10.71 -21.58
N GLY A 442 -3.54 9.91 -21.44
CA GLY A 442 -2.82 9.80 -20.19
C GLY A 442 -3.23 8.65 -19.29
N TYR A 443 -4.16 7.80 -19.71
CA TYR A 443 -4.66 6.73 -18.86
C TYR A 443 -4.17 5.35 -19.32
N GLU A 444 -3.01 5.31 -19.96
CA GLU A 444 -2.22 4.10 -20.11
C GLU A 444 -1.02 4.08 -19.17
N ILE A 445 -0.75 5.20 -18.49
CA ILE A 445 0.42 5.32 -17.63
C ILE A 445 0.29 4.42 -16.41
N GLU A 446 -0.92 4.34 -15.83
CA GLU A 446 -1.13 3.47 -14.67
C GLU A 446 -0.80 2.02 -15.00
N PHE A 447 -1.02 1.60 -16.25
CA PHE A 447 -0.69 0.24 -16.65
C PHE A 447 0.80 0.09 -16.96
N VAL A 448 1.44 1.14 -17.46
CA VAL A 448 2.87 1.08 -17.76
C VAL A 448 3.67 0.94 -16.47
N PHE A 449 3.25 1.61 -15.40
CA PHE A 449 3.96 1.58 -14.14
C PHE A 449 3.49 0.47 -13.21
N GLY A 450 2.57 -0.39 -13.65
CA GLY A 450 2.20 -1.56 -12.90
C GLY A 450 1.25 -1.32 -11.73
N LEU A 451 0.51 -0.23 -11.75
CA LEU A 451 -0.47 0.03 -10.69
C LEU A 451 -1.53 -1.07 -10.57
N PRO A 452 -2.07 -1.65 -11.65
CA PRO A 452 -3.04 -2.74 -11.47
C PRO A 452 -2.49 -3.95 -10.74
N LEU A 453 -1.17 -4.08 -10.59
CA LEU A 453 -0.62 -5.22 -9.88
C LEU A 453 -0.88 -5.14 -8.38
N GLU A 454 -1.01 -3.93 -7.84
CA GLU A 454 -1.35 -3.76 -6.44
C GLU A 454 -2.82 -4.09 -6.24
N ARG A 455 -3.09 -5.20 -5.53
CA ARG A 455 -4.45 -5.72 -5.44
C ARG A 455 -5.35 -4.86 -4.56
N ARG A 456 -4.78 -3.97 -3.75
CA ARG A 456 -5.59 -3.12 -2.89
C ARG A 456 -6.29 -1.99 -3.65
N LEU A 457 -5.89 -1.74 -4.90
CA LEU A 457 -6.51 -0.72 -5.73
C LEU A 457 -7.68 -1.28 -6.55
N ASN A 458 -7.88 -2.60 -6.50
CA ASN A 458 -9.09 -3.26 -6.98
C ASN A 458 -9.27 -3.11 -8.49
N TYR A 459 -8.19 -3.34 -9.23
CA TYR A 459 -8.31 -3.51 -10.68
C TYR A 459 -8.76 -4.94 -10.99
N THR A 460 -9.31 -5.13 -12.18
CA THR A 460 -9.73 -6.46 -12.59
C THR A 460 -8.51 -7.35 -12.85
N LYS A 461 -8.76 -8.66 -12.84
CA LYS A 461 -7.68 -9.60 -13.11
C LYS A 461 -7.17 -9.46 -14.54
N GLU A 462 -8.08 -9.17 -15.48
CA GLU A 462 -7.67 -8.93 -16.86
C GLU A 462 -6.84 -7.66 -16.98
N GLU A 463 -6.99 -6.71 -16.06
CA GLU A 463 -6.17 -5.51 -16.08
C GLU A 463 -4.78 -5.78 -15.52
N GLU A 464 -4.68 -6.65 -14.51
CA GLU A 464 -3.36 -7.06 -14.01
C GLU A 464 -2.59 -7.81 -15.09
N ILE A 465 -3.28 -8.65 -15.87
CA ILE A 465 -2.63 -9.35 -16.97
C ILE A 465 -2.17 -8.37 -18.03
N LEU A 466 -3.03 -7.40 -18.39
CA LEU A 466 -2.66 -6.42 -19.41
C LEU A 466 -1.49 -5.55 -18.93
N SER A 467 -1.52 -5.14 -17.66
CA SER A 467 -0.42 -4.33 -17.13
C SER A 467 0.88 -5.13 -17.08
N ARG A 468 0.80 -6.42 -16.72
CA ARG A 468 2.01 -7.24 -16.63
C ARG A 468 2.65 -7.41 -18.01
N GLU A 469 1.81 -7.55 -19.06
CA GLU A 469 2.35 -7.71 -20.40
C GLU A 469 2.94 -6.39 -20.92
N ILE A 470 2.30 -5.27 -20.58
CA ILE A 470 2.82 -3.97 -21.00
C ILE A 470 4.15 -3.68 -20.34
N MET A 471 4.27 -3.98 -19.04
CA MET A 471 5.56 -3.82 -18.36
C MET A 471 6.61 -4.74 -18.96
N ARG A 472 6.23 -5.97 -19.30
CA ARG A 472 7.17 -6.90 -19.90
C ARG A 472 7.61 -6.42 -21.28
N ARG A 473 6.69 -5.86 -22.06
CA ARG A 473 7.05 -5.36 -23.38
C ARG A 473 7.86 -4.07 -23.26
N TRP A 474 7.49 -3.19 -22.34
CA TRP A 474 8.23 -1.95 -22.14
C TRP A 474 9.66 -2.23 -21.68
N ALA A 475 9.82 -3.14 -20.71
CA ALA A 475 11.14 -3.40 -20.15
C ALA A 475 12.01 -4.22 -21.10
N ASN A 476 11.41 -5.18 -21.82
CA ASN A 476 12.18 -5.97 -22.76
C ASN A 476 12.76 -5.10 -23.87
N PHE A 477 11.98 -4.12 -24.35
CA PHE A 477 12.49 -3.20 -25.36
C PHE A 477 13.66 -2.39 -24.83
N ALA A 478 13.59 -1.97 -23.56
CA ALA A 478 14.69 -1.23 -22.96
C ALA A 478 15.92 -2.11 -22.81
N LYS A 479 15.74 -3.38 -22.44
CA LYS A 479 16.87 -4.27 -22.21
C LYS A 479 17.52 -4.74 -23.51
N TYR A 480 16.71 -5.07 -24.52
CA TYR A 480 17.19 -5.76 -25.70
C TYR A 480 16.90 -5.05 -27.02
N GLY A 481 16.09 -4.00 -27.01
CA GLY A 481 15.68 -3.37 -28.25
C GLY A 481 14.53 -4.05 -28.95
N ASN A 482 13.95 -5.09 -28.35
CA ASN A 482 12.83 -5.84 -28.93
C ASN A 482 11.79 -6.02 -27.84
N PRO A 483 10.55 -5.57 -28.04
CA PRO A 483 9.56 -5.64 -26.97
C PRO A 483 8.82 -6.97 -26.92
N ASN A 484 9.43 -8.03 -27.43
CA ASN A 484 8.78 -9.32 -27.56
C ASN A 484 9.46 -10.37 -26.70
N GLU A 485 8.65 -11.31 -26.21
CA GLU A 485 9.16 -12.57 -25.66
C GLU A 485 9.13 -13.58 -26.81
N THR A 486 10.31 -13.91 -27.33
CA THR A 486 10.43 -14.43 -28.68
C THR A 486 10.08 -15.91 -28.82
N GLN A 487 9.88 -16.65 -27.73
CA GLN A 487 9.75 -18.10 -27.88
C GLN A 487 8.48 -18.68 -27.25
N ASN A 488 7.96 -18.07 -26.19
CA ASN A 488 6.85 -18.66 -25.45
C ASN A 488 5.54 -18.61 -26.24
N ASN A 489 5.64 -18.54 -27.57
CA ASN A 489 4.47 -18.59 -28.46
C ASN A 489 3.45 -17.50 -28.15
N SER A 490 3.93 -16.36 -27.64
CA SER A 490 3.07 -15.20 -27.46
C SER A 490 2.95 -14.42 -28.75
N THR A 491 2.05 -13.45 -28.76
CA THR A 491 1.88 -12.59 -29.94
C THR A 491 3.14 -11.78 -30.17
N GLN A 492 3.73 -11.94 -31.36
CA GLN A 492 4.97 -11.27 -31.69
C GLN A 492 4.68 -9.90 -32.30
N TRP A 493 5.13 -8.86 -31.60
CA TRP A 493 5.00 -7.48 -32.05
C TRP A 493 5.93 -7.23 -33.23
N PRO A 494 5.43 -7.08 -34.45
CA PRO A 494 6.30 -6.93 -35.61
C PRO A 494 6.82 -5.51 -35.74
N VAL A 495 7.82 -5.36 -36.60
CA VAL A 495 8.48 -4.08 -36.80
C VAL A 495 7.58 -3.18 -37.64
N PHE A 496 7.40 -1.94 -37.18
CA PHE A 496 6.64 -0.93 -37.92
C PHE A 496 7.43 -0.50 -39.14
N LYS A 497 6.88 -0.79 -40.34
CA LYS A 497 7.54 -0.48 -41.60
C LYS A 497 6.83 0.67 -42.30
N PRO A 498 7.54 1.45 -43.13
CA PRO A 498 6.88 2.57 -43.81
C PRO A 498 5.83 2.11 -44.80
N THR A 499 5.92 0.87 -45.26
CA THR A 499 5.03 0.30 -46.27
C THR A 499 3.77 -0.28 -45.65
N GLU A 500 3.93 -1.48 -45.04
CA GLU A 500 2.80 -2.21 -44.49
C GLU A 500 2.24 -1.53 -43.25
N GLN A 501 3.08 -0.86 -42.48
CA GLN A 501 2.66 -0.02 -41.35
C GLN A 501 1.95 -0.85 -40.28
N LYS A 502 2.58 -1.95 -39.88
CA LYS A 502 2.00 -2.84 -38.88
C LYS A 502 2.09 -2.23 -37.49
N TYR A 503 1.07 -2.48 -36.68
CA TYR A 503 1.05 -2.04 -35.30
C TYR A 503 0.30 -3.07 -34.46
N LEU A 504 0.46 -2.95 -33.15
CA LEU A 504 -0.08 -3.91 -32.19
C LEU A 504 -1.13 -3.24 -31.32
N THR A 505 -2.22 -3.96 -31.06
CA THR A 505 -3.27 -3.48 -30.18
C THR A 505 -3.00 -3.95 -28.75
N LEU A 506 -3.43 -3.14 -27.79
CA LEU A 506 -3.27 -3.45 -26.37
C LEU A 506 -4.62 -3.32 -25.69
N ASN A 507 -5.12 -4.43 -25.14
CA ASN A 507 -6.41 -4.45 -24.45
C ASN A 507 -6.46 -5.70 -23.59
N THR A 508 -7.57 -5.85 -22.86
CA THR A 508 -7.75 -7.00 -21.98
C THR A 508 -8.12 -8.27 -22.74
N GLU A 509 -8.58 -8.15 -23.99
CA GLU A 509 -8.95 -9.32 -24.77
C GLU A 509 -7.70 -10.06 -25.25
N SER A 510 -7.09 -9.55 -26.32
CA SER A 510 -5.89 -10.17 -26.88
C SER A 510 -5.20 -9.16 -27.78
N SER A 511 -3.87 -9.25 -27.83
CA SER A 511 -3.08 -8.36 -28.65
C SER A 511 -3.12 -8.83 -30.11
N ARG A 512 -3.50 -7.94 -31.01
CA ARG A 512 -3.67 -8.27 -32.42
C ARG A 512 -2.81 -7.36 -33.29
N ILE A 513 -2.48 -7.84 -34.47
CA ILE A 513 -1.68 -7.11 -35.44
C ILE A 513 -2.61 -6.46 -36.45
N MET A 514 -2.45 -5.15 -36.65
CA MET A 514 -3.22 -4.40 -37.64
C MET A 514 -2.26 -3.58 -38.48
N THR A 515 -2.80 -2.90 -39.49
CA THR A 515 -1.98 -2.15 -40.44
C THR A 515 -2.61 -0.80 -40.73
N LYS A 516 -1.75 0.18 -41.01
CA LYS A 516 -2.15 1.50 -41.52
C LYS A 516 -3.24 2.13 -40.63
N LEU A 517 -2.83 2.44 -39.40
CA LEU A 517 -3.75 3.03 -38.44
C LEU A 517 -4.16 4.43 -38.87
N ARG A 518 -5.47 4.69 -38.87
CA ARG A 518 -6.02 6.00 -39.25
C ARG A 518 -5.43 6.52 -40.55
N ALA A 519 -5.12 5.60 -41.48
CA ALA A 519 -4.41 6.00 -42.70
C ALA A 519 -5.21 6.98 -43.53
N GLN A 520 -6.55 6.85 -43.53
CA GLN A 520 -7.38 7.73 -44.33
C GLN A 520 -7.35 9.16 -43.79
N HIS A 521 -7.73 9.34 -42.51
CA HIS A 521 -7.80 10.68 -41.94
C HIS A 521 -6.40 11.30 -41.80
N CYS A 522 -5.36 10.49 -41.60
CA CYS A 522 -4.01 11.03 -41.57
C CYS A 522 -3.60 11.58 -42.93
N ARG A 523 -4.05 10.95 -44.02
CA ARG A 523 -3.73 11.44 -45.36
C ARG A 523 -4.33 12.83 -45.59
N PHE A 524 -5.41 13.17 -44.89
CA PHE A 524 -6.00 14.49 -45.04
C PHE A 524 -5.13 15.55 -44.37
N TRP A 525 -4.67 15.28 -43.14
CA TRP A 525 -3.87 16.25 -42.42
C TRP A 525 -2.48 16.40 -43.01
N ASN A 526 -1.96 15.36 -43.66
CA ASN A 526 -0.59 15.37 -44.15
C ASN A 526 -0.47 15.82 -45.59
N SER A 527 -1.52 15.68 -46.40
CA SER A 527 -1.43 15.96 -47.83
C SER A 527 -2.38 17.05 -48.31
N PHE A 528 -3.37 17.44 -47.53
CA PHE A 528 -4.32 18.46 -47.96
C PHE A 528 -4.41 19.63 -47.01
N PHE A 529 -4.29 19.41 -45.70
CA PHE A 529 -4.40 20.48 -44.72
C PHE A 529 -3.27 21.51 -44.83
N PRO A 530 -2.02 21.12 -45.08
CA PRO A 530 -0.97 22.15 -45.28
C PRO A 530 -1.30 23.12 -46.40
N LYS A 531 -2.02 22.67 -47.44
CA LYS A 531 -2.53 23.57 -48.47
C LYS A 531 -3.76 24.35 -48.01
N VAL A 532 -3.98 24.42 -46.70
CA VAL A 532 -5.05 25.20 -46.06
C VAL A 532 -6.43 24.62 -46.36
N ASP B 6 -26.93 -27.85 -2.32
CA ASP B 6 -27.39 -27.16 -1.11
C ASP B 6 -26.31 -26.20 -0.58
N ILE B 7 -26.08 -26.26 0.73
CA ILE B 7 -25.11 -25.41 1.43
C ILE B 7 -25.37 -23.95 1.11
N ILE B 8 -26.63 -23.52 1.21
CA ILE B 8 -27.02 -22.13 1.02
C ILE B 8 -27.90 -21.74 2.20
N ILE B 9 -27.48 -20.72 2.94
CA ILE B 9 -28.18 -20.25 4.12
C ILE B 9 -28.47 -18.77 3.95
N THR B 10 -29.68 -18.36 4.30
CA THR B 10 -30.09 -16.96 4.23
C THR B 10 -29.80 -16.27 5.56
N THR B 11 -28.90 -15.29 5.53
CA THR B 11 -28.65 -14.43 6.68
C THR B 11 -29.55 -13.20 6.59
N LYS B 12 -29.40 -12.29 7.56
CA LYS B 12 -30.17 -11.05 7.50
C LYS B 12 -29.64 -10.09 6.44
N ASN B 13 -28.45 -10.33 5.90
CA ASN B 13 -27.87 -9.50 4.86
C ASN B 13 -27.91 -10.11 3.47
N GLY B 14 -28.32 -11.36 3.35
CA GLY B 14 -28.40 -12.02 2.07
C GLY B 14 -28.12 -13.49 2.21
N LYS B 15 -27.88 -14.13 1.07
CA LYS B 15 -27.62 -15.56 1.00
C LYS B 15 -26.13 -15.82 0.90
N VAL B 16 -25.66 -16.84 1.61
CA VAL B 16 -24.26 -17.26 1.56
C VAL B 16 -24.22 -18.72 1.16
N ARG B 17 -23.13 -19.10 0.49
CA ARG B 17 -22.91 -20.48 0.07
C ARG B 17 -21.57 -20.95 0.64
N GLY B 18 -21.59 -22.10 1.29
CA GLY B 18 -20.40 -22.70 1.86
C GLY B 18 -19.89 -23.87 1.04
N MET B 19 -19.30 -24.84 1.73
CA MET B 19 -18.74 -26.01 1.08
C MET B 19 -18.66 -27.14 2.08
N ASN B 20 -18.75 -28.37 1.58
CA ASN B 20 -18.66 -29.56 2.41
C ASN B 20 -17.21 -30.04 2.47
N LEU B 21 -16.72 -30.27 3.69
CA LEU B 21 -15.38 -30.79 3.90
C LEU B 21 -15.47 -32.18 4.51
N THR B 22 -14.57 -33.06 4.10
CA THR B 22 -14.47 -34.40 4.66
C THR B 22 -13.36 -34.39 5.72
N VAL B 23 -13.74 -34.59 6.97
CA VAL B 23 -12.80 -34.62 8.09
C VAL B 23 -13.05 -35.89 8.88
N PHE B 24 -12.05 -36.77 8.90
CA PHE B 24 -12.09 -38.00 9.69
C PHE B 24 -13.32 -38.84 9.35
N GLY B 25 -13.54 -39.04 8.06
CA GLY B 25 -14.65 -39.86 7.60
C GLY B 25 -16.02 -39.26 7.88
N GLY B 26 -16.13 -37.93 7.87
CA GLY B 26 -17.39 -37.26 8.11
C GLY B 26 -17.42 -35.93 7.40
N THR B 27 -18.57 -35.27 7.44
CA THR B 27 -18.79 -34.01 6.74
C THR B 27 -18.84 -32.86 7.73
N VAL B 28 -18.17 -31.75 7.37
CA VAL B 28 -18.24 -30.50 8.10
C VAL B 28 -18.53 -29.39 7.10
N THR B 29 -19.53 -28.57 7.39
CA THR B 29 -19.92 -27.47 6.52
C THR B 29 -19.11 -26.23 6.89
N ALA B 30 -18.38 -25.68 5.93
CA ALA B 30 -17.52 -24.53 6.16
C ALA B 30 -18.03 -23.33 5.37
N PHE B 31 -18.09 -22.17 6.03
CA PHE B 31 -18.46 -20.89 5.43
C PHE B 31 -17.31 -19.93 5.68
N LEU B 32 -16.39 -19.83 4.73
CA LEU B 32 -15.19 -19.01 4.88
C LEU B 32 -15.40 -17.66 4.22
N GLY B 33 -15.08 -16.60 4.95
CA GLY B 33 -15.08 -15.25 4.38
C GLY B 33 -16.44 -14.62 4.23
N ILE B 34 -17.26 -14.65 5.27
CA ILE B 34 -18.55 -13.99 5.28
C ILE B 34 -18.34 -12.56 5.79
N PRO B 35 -18.74 -11.54 5.04
CA PRO B 35 -18.60 -10.16 5.54
C PRO B 35 -19.59 -9.91 6.68
N TYR B 36 -19.12 -9.18 7.69
CA TYR B 36 -19.96 -8.80 8.81
C TYR B 36 -19.97 -7.29 9.05
N ALA B 37 -19.28 -6.52 8.22
CA ALA B 37 -19.24 -5.07 8.37
C ALA B 37 -18.87 -4.46 7.03
N GLN B 38 -19.18 -3.17 6.89
CA GLN B 38 -18.76 -2.44 5.70
C GLN B 38 -17.24 -2.30 5.69
N PRO B 39 -16.59 -2.42 4.53
CA PRO B 39 -15.14 -2.31 4.47
C PRO B 39 -14.68 -0.94 4.96
N PRO B 40 -13.84 -0.91 6.00
CA PRO B 40 -13.41 0.39 6.55
C PRO B 40 -12.40 1.08 5.66
N LEU B 41 -12.83 1.53 4.48
CA LEU B 41 -11.98 2.19 3.51
C LEU B 41 -12.34 3.66 3.38
N GLY B 42 -11.38 4.46 2.94
CA GLY B 42 -11.59 5.87 2.69
C GLY B 42 -11.99 6.66 3.92
N ARG B 43 -13.19 7.25 3.89
CA ARG B 43 -13.67 8.02 5.02
C ARG B 43 -13.99 7.16 6.24
N LEU B 44 -14.04 5.84 6.08
CA LEU B 44 -14.33 4.93 7.18
C LEU B 44 -13.08 4.43 7.89
N ARG B 45 -11.90 4.80 7.40
CA ARG B 45 -10.66 4.41 8.07
C ARG B 45 -10.57 5.09 9.44
N PHE B 46 -10.20 4.30 10.45
CA PHE B 46 -10.03 4.68 11.85
C PHE B 46 -11.37 4.80 12.58
N LYS B 47 -12.50 4.55 11.94
CA LYS B 47 -13.80 4.64 12.58
C LYS B 47 -14.27 3.27 13.05
N LYS B 48 -15.27 3.28 13.93
CA LYS B 48 -15.90 2.05 14.35
C LYS B 48 -16.57 1.37 13.14
N PRO B 49 -16.67 0.04 13.14
CA PRO B 49 -17.21 -0.65 11.97
C PRO B 49 -18.67 -0.30 11.73
N GLN B 50 -19.01 -0.12 10.46
CA GLN B 50 -20.38 0.21 10.10
C GLN B 50 -21.16 -1.07 9.79
N PRO B 51 -22.37 -1.22 10.30
CA PRO B 51 -23.15 -2.44 10.01
C PRO B 51 -23.42 -2.59 8.52
N LEU B 52 -23.63 -3.84 8.12
CA LEU B 52 -23.81 -4.17 6.72
C LEU B 52 -25.24 -3.90 6.26
N THR B 53 -25.38 -3.65 4.96
CA THR B 53 -26.68 -3.68 4.29
C THR B 53 -26.75 -4.96 3.46
N LYS B 54 -27.80 -5.08 2.66
CA LYS B 54 -28.07 -6.31 1.93
C LYS B 54 -27.24 -6.38 0.65
N TRP B 55 -26.79 -7.58 0.31
CA TRP B 55 -26.20 -7.86 -0.98
C TRP B 55 -27.18 -8.69 -1.80
N SER B 56 -27.27 -8.39 -3.09
CA SER B 56 -28.10 -9.17 -3.98
C SER B 56 -27.31 -10.38 -4.49
N GLY B 57 -28.03 -11.48 -4.70
CA GLY B 57 -27.39 -12.71 -5.12
C GLY B 57 -26.99 -13.58 -3.95
N ILE B 58 -26.06 -14.50 -4.22
CA ILE B 58 -25.62 -15.48 -3.25
C ILE B 58 -24.12 -15.31 -3.07
N TRP B 59 -23.71 -14.84 -1.89
CA TRP B 59 -22.30 -14.62 -1.59
C TRP B 59 -21.56 -15.95 -1.56
N ASN B 60 -20.58 -16.12 -2.44
CA ASN B 60 -19.77 -17.33 -2.48
C ASN B 60 -18.76 -17.27 -1.34
N ALA B 61 -18.98 -18.10 -0.32
CA ALA B 61 -18.14 -18.12 0.87
C ALA B 61 -17.40 -19.46 0.94
N THR B 62 -16.47 -19.66 0.01
CA THR B 62 -15.77 -20.93 -0.12
C THR B 62 -14.26 -20.80 0.02
N LYS B 63 -13.75 -19.66 0.45
CA LYS B 63 -12.32 -19.51 0.66
C LYS B 63 -12.08 -18.41 1.67
N TYR B 64 -10.87 -18.41 2.23
CA TYR B 64 -10.53 -17.44 3.26
C TYR B 64 -10.45 -16.03 2.68
N ALA B 65 -10.86 -15.05 3.49
CA ALA B 65 -10.88 -13.66 3.08
C ALA B 65 -9.48 -13.05 3.20
N ASN B 66 -9.37 -11.77 2.84
CA ASN B 66 -8.12 -11.06 3.02
C ASN B 66 -7.79 -10.89 4.50
N SER B 67 -6.50 -10.83 4.80
CA SER B 67 -6.04 -10.51 6.14
C SER B 67 -5.90 -9.00 6.29
N CYS B 68 -6.04 -8.53 7.52
CA CYS B 68 -5.90 -7.12 7.80
C CYS B 68 -4.47 -6.66 7.53
N MET B 69 -4.33 -5.35 7.32
CA MET B 69 -3.01 -4.76 7.08
C MET B 69 -2.15 -4.89 8.33
N GLN B 70 -0.95 -5.43 8.16
CA GLN B 70 -0.08 -5.69 9.31
C GLN B 70 1.34 -5.89 8.80
N ASN B 71 2.30 -5.56 9.66
CA ASN B 71 3.69 -5.84 9.36
C ASN B 71 3.98 -7.33 9.52
N ILE B 72 4.94 -7.82 8.75
CA ILE B 72 5.26 -9.24 8.68
C ILE B 72 6.50 -9.52 9.50
N ASP B 73 6.53 -10.67 10.16
CA ASP B 73 7.73 -11.13 10.87
C ASP B 73 8.77 -11.56 9.86
N THR B 74 9.87 -10.82 9.77
CA THR B 74 10.96 -11.12 8.84
C THR B 74 12.27 -11.39 9.57
N SER B 75 12.21 -11.67 10.87
CA SER B 75 13.44 -11.84 11.65
C SER B 75 14.20 -13.09 11.23
N PHE B 76 13.49 -14.18 10.96
CA PHE B 76 14.11 -15.45 10.58
C PHE B 76 13.47 -15.92 9.28
N PRO B 77 14.02 -15.53 8.12
CA PRO B 77 13.45 -15.94 6.84
C PRO B 77 13.53 -17.45 6.66
N GLY B 78 12.43 -18.04 6.19
CA GLY B 78 12.36 -19.47 5.96
C GLY B 78 12.14 -20.31 7.19
N PHE B 79 12.19 -19.72 8.39
CA PHE B 79 12.00 -20.48 9.62
C PHE B 79 10.51 -20.65 9.88
N HIS B 80 10.08 -21.91 10.01
CA HIS B 80 8.65 -22.19 10.17
C HIS B 80 8.13 -21.74 11.53
N GLY B 81 9.00 -21.67 12.54
CA GLY B 81 8.56 -21.30 13.87
C GLY B 81 8.04 -19.87 13.95
N SER B 82 8.52 -18.99 13.08
CA SER B 82 8.06 -17.60 13.03
C SER B 82 7.13 -17.30 11.87
N GLU B 83 7.34 -17.93 10.72
CA GLU B 83 6.48 -17.69 9.56
C GLU B 83 5.11 -18.33 9.70
N MET B 84 4.93 -19.27 10.63
CA MET B 84 3.62 -19.86 10.89
C MET B 84 2.67 -18.88 11.55
N TRP B 85 3.12 -17.68 11.91
CA TRP B 85 2.25 -16.67 12.49
C TRP B 85 1.99 -15.51 11.52
N ASN B 86 2.54 -15.55 10.32
CA ASN B 86 2.38 -14.53 9.31
C ASN B 86 1.17 -14.84 8.42
N PRO B 87 0.51 -13.81 7.91
CA PRO B 87 -0.74 -14.03 7.16
C PRO B 87 -0.55 -14.91 5.94
N ASN B 88 -1.59 -15.67 5.62
CA ASN B 88 -1.59 -16.57 4.47
C ASN B 88 -2.58 -16.15 3.41
N THR B 89 -3.11 -14.93 3.48
CA THR B 89 -3.98 -14.37 2.46
C THR B 89 -3.51 -12.95 2.15
N ASP B 90 -4.14 -12.32 1.17
CA ASP B 90 -3.78 -10.97 0.78
C ASP B 90 -4.02 -10.00 1.93
N LEU B 91 -3.12 -9.03 2.07
CA LEU B 91 -3.27 -7.98 3.06
C LEU B 91 -4.09 -6.84 2.45
N SER B 92 -5.13 -6.41 3.16
CA SER B 92 -6.02 -5.39 2.63
C SER B 92 -6.77 -4.74 3.78
N GLU B 93 -7.08 -3.45 3.59
CA GLU B 93 -7.95 -2.76 4.55
C GLU B 93 -9.36 -3.32 4.49
N ASP B 94 -9.77 -3.88 3.35
CA ASP B 94 -11.03 -4.60 3.22
C ASP B 94 -10.80 -6.01 3.77
N CYS B 95 -11.06 -6.18 5.06
CA CYS B 95 -10.68 -7.40 5.75
C CYS B 95 -11.66 -7.85 6.83
N LEU B 96 -12.78 -7.16 7.02
CA LEU B 96 -13.71 -7.51 8.09
C LEU B 96 -14.63 -8.62 7.61
N TYR B 97 -14.16 -9.86 7.77
CA TYR B 97 -14.91 -11.05 7.41
C TYR B 97 -14.78 -12.08 8.53
N LEU B 98 -15.64 -13.10 8.49
CA LEU B 98 -15.60 -14.16 9.49
C LEU B 98 -15.83 -15.51 8.83
N ASN B 99 -15.47 -16.57 9.55
CA ASN B 99 -15.60 -17.94 9.08
C ASN B 99 -16.45 -18.72 10.06
N VAL B 100 -17.17 -19.73 9.55
CA VAL B 100 -18.04 -20.59 10.35
C VAL B 100 -17.82 -22.04 9.95
N TRP B 101 -17.73 -22.92 10.94
CA TRP B 101 -17.65 -24.36 10.72
C TRP B 101 -18.80 -25.03 11.45
N ILE B 102 -19.60 -25.80 10.72
CA ILE B 102 -20.80 -26.41 11.28
C ILE B 102 -20.72 -27.92 11.15
N PRO B 103 -21.08 -28.67 12.18
CA PRO B 103 -21.08 -30.14 12.06
C PRO B 103 -22.23 -30.62 11.19
N ALA B 104 -21.98 -31.72 10.46
CA ALA B 104 -23.00 -32.32 9.64
C ALA B 104 -23.46 -33.66 10.21
N PRO B 105 -24.77 -33.95 10.20
CA PRO B 105 -25.85 -33.08 9.67
C PRO B 105 -26.09 -31.84 10.52
N LYS B 106 -26.79 -30.86 9.96
CA LYS B 106 -26.99 -29.56 10.60
C LYS B 106 -27.58 -29.75 12.00
N PRO B 107 -26.92 -29.26 13.04
CA PRO B 107 -27.41 -29.45 14.41
C PRO B 107 -28.54 -28.49 14.72
N LYS B 108 -29.06 -28.61 15.94
CA LYS B 108 -30.11 -27.75 16.45
C LYS B 108 -29.70 -27.25 17.83
N ASN B 109 -29.72 -25.93 18.01
CA ASN B 109 -29.35 -25.30 19.28
C ASN B 109 -27.94 -25.69 19.71
N ALA B 110 -27.03 -25.73 18.75
CA ALA B 110 -25.66 -26.16 19.02
C ALA B 110 -24.88 -25.09 19.77
N THR B 111 -23.94 -25.53 20.58
CA THR B 111 -23.03 -24.62 21.26
C THR B 111 -22.06 -24.01 20.26
N VAL B 112 -21.77 -22.72 20.43
CA VAL B 112 -20.95 -21.96 19.51
C VAL B 112 -19.69 -21.50 20.23
N MET B 113 -18.53 -21.70 19.60
CA MET B 113 -17.25 -21.24 20.12
C MET B 113 -16.67 -20.24 19.12
N VAL B 114 -16.38 -19.03 19.61
CA VAL B 114 -15.89 -17.95 18.76
C VAL B 114 -14.41 -17.71 19.10
N TRP B 115 -13.56 -17.84 18.08
CA TRP B 115 -12.12 -17.67 18.26
C TRP B 115 -11.70 -16.23 17.97
N ILE B 116 -10.87 -15.67 18.84
CA ILE B 116 -10.27 -14.35 18.65
C ILE B 116 -8.77 -14.55 18.68
N TYR B 117 -8.11 -14.35 17.54
CA TYR B 117 -6.69 -14.63 17.44
C TYR B 117 -5.88 -13.58 18.19
N GLY B 118 -4.62 -13.93 18.48
CA GLY B 118 -3.68 -13.02 19.09
C GLY B 118 -2.68 -12.46 18.09
N GLY B 119 -1.64 -11.83 18.62
CA GLY B 119 -0.62 -11.23 17.78
C GLY B 119 -0.15 -9.87 18.29
N GLY B 120 -0.26 -9.65 19.60
CA GLY B 120 0.19 -8.41 20.19
C GLY B 120 -0.56 -7.18 19.72
N PHE B 121 -1.77 -7.36 19.19
CA PHE B 121 -2.60 -6.29 18.63
C PHE B 121 -1.95 -5.60 17.44
N GLN B 122 -0.90 -6.19 16.87
CA GLN B 122 -0.28 -5.67 15.65
C GLN B 122 -0.30 -6.65 14.49
N THR B 123 -0.56 -7.93 14.74
CA THR B 123 -0.54 -8.96 13.71
C THR B 123 -1.69 -9.91 13.94
N GLY B 124 -1.85 -10.87 13.04
CA GLY B 124 -2.84 -11.93 13.21
C GLY B 124 -3.88 -12.03 12.12
N THR B 125 -4.42 -13.24 11.93
CA THR B 125 -5.51 -13.49 11.00
C THR B 125 -6.14 -14.83 11.36
N SER B 126 -7.42 -14.97 11.05
CA SER B 126 -8.16 -16.18 11.41
C SER B 126 -8.03 -17.29 10.37
N SER B 127 -7.33 -17.05 9.27
CA SER B 127 -7.16 -18.05 8.22
C SER B 127 -5.97 -18.97 8.46
N LEU B 128 -5.33 -18.88 9.62
CA LEU B 128 -4.14 -19.67 9.86
C LEU B 128 -4.49 -21.14 10.06
N PRO B 129 -3.71 -22.06 9.47
CA PRO B 129 -3.93 -23.49 9.71
C PRO B 129 -4.05 -23.88 11.18
N VAL B 130 -3.36 -23.19 12.09
CA VAL B 130 -3.50 -23.48 13.51
C VAL B 130 -4.85 -23.07 14.06
N TYR B 131 -5.63 -22.29 13.32
CA TYR B 131 -6.94 -21.84 13.75
C TYR B 131 -8.09 -22.51 12.98
N ASP B 132 -7.80 -23.58 12.22
CA ASP B 132 -8.85 -24.25 11.47
C ASP B 132 -9.82 -24.92 12.43
N GLY B 133 -11.07 -24.48 12.40
CA GLY B 133 -12.09 -25.00 13.29
C GLY B 133 -12.90 -26.17 12.77
N LYS B 134 -12.48 -26.80 11.67
CA LYS B 134 -13.25 -27.94 11.16
C LYS B 134 -13.07 -29.18 12.04
N PHE B 135 -11.91 -29.31 12.70
CA PHE B 135 -11.69 -30.43 13.59
C PHE B 135 -12.59 -30.36 14.81
N LEU B 136 -12.69 -29.16 15.42
CA LEU B 136 -13.54 -29.00 16.60
C LEU B 136 -15.00 -29.28 16.28
N ALA B 137 -15.49 -28.78 15.14
CA ALA B 137 -16.86 -29.08 14.74
C ALA B 137 -17.03 -30.57 14.47
N ARG B 138 -16.00 -31.21 13.89
CA ARG B 138 -16.11 -32.62 13.56
C ARG B 138 -16.10 -33.49 14.81
N VAL B 139 -15.15 -33.25 15.71
CA VAL B 139 -14.97 -34.14 16.85
C VAL B 139 -15.94 -33.80 17.97
N GLU B 140 -16.16 -32.52 18.24
CA GLU B 140 -16.92 -32.08 19.41
C GLU B 140 -18.33 -31.61 19.08
N ARG B 141 -18.69 -31.54 17.79
CA ARG B 141 -20.05 -31.17 17.37
C ARG B 141 -20.44 -29.77 17.83
N VAL B 142 -19.46 -28.87 17.90
CA VAL B 142 -19.72 -27.47 18.21
C VAL B 142 -19.56 -26.66 16.92
N ILE B 143 -20.23 -25.51 16.89
CA ILE B 143 -20.07 -24.56 15.79
C ILE B 143 -18.91 -23.65 16.13
N VAL B 144 -17.96 -23.53 15.20
CA VAL B 144 -16.75 -22.75 15.40
C VAL B 144 -16.81 -21.50 14.52
N VAL B 145 -16.61 -20.35 15.15
CA VAL B 145 -16.59 -19.07 14.45
C VAL B 145 -15.26 -18.38 14.73
N SER B 146 -14.67 -17.80 13.69
CA SER B 146 -13.49 -16.97 13.82
C SER B 146 -13.67 -15.73 12.93
N MET B 147 -13.03 -14.63 13.32
CA MET B 147 -13.20 -13.38 12.62
C MET B 147 -11.86 -12.65 12.53
N ASN B 148 -11.78 -11.75 11.56
CA ASN B 148 -10.64 -10.87 11.38
C ASN B 148 -11.02 -9.46 11.85
N TYR B 149 -10.10 -8.84 12.59
CA TYR B 149 -10.27 -7.48 13.08
C TYR B 149 -8.97 -6.72 12.83
N ARG B 150 -9.09 -5.43 12.55
CA ARG B 150 -7.90 -4.66 12.21
C ARG B 150 -6.99 -4.49 13.42
N VAL B 151 -5.69 -4.63 13.20
CA VAL B 151 -4.70 -4.49 14.26
C VAL B 151 -3.87 -3.24 13.99
N GLY B 152 -2.92 -2.95 14.87
CA GLY B 152 -2.03 -1.83 14.67
C GLY B 152 -2.78 -0.50 14.71
N ALA B 153 -2.19 0.50 14.03
CA ALA B 153 -2.78 1.84 14.04
C ALA B 153 -4.14 1.84 13.35
N LEU B 154 -4.29 1.07 12.27
CA LEU B 154 -5.56 1.04 11.54
C LEU B 154 -6.70 0.49 12.39
N GLY B 155 -6.40 -0.17 13.50
CA GLY B 155 -7.43 -0.72 14.36
C GLY B 155 -7.45 -0.14 15.75
N PHE B 156 -6.42 0.63 16.12
CA PHE B 156 -6.36 1.14 17.49
C PHE B 156 -5.77 2.55 17.59
N LEU B 157 -5.73 3.30 16.49
CA LEU B 157 -5.41 4.71 16.59
C LEU B 157 -6.48 5.41 17.43
N ALA B 158 -6.03 6.14 18.44
CA ALA B 158 -6.93 6.65 19.47
C ALA B 158 -6.85 8.16 19.56
N LEU B 159 -7.99 8.83 19.41
CA LEU B 159 -8.19 10.21 19.84
C LEU B 159 -9.46 10.18 20.66
N PRO B 160 -9.34 10.02 21.98
CA PRO B 160 -10.53 9.77 22.81
C PRO B 160 -11.58 10.85 22.66
N GLY B 161 -12.82 10.41 22.40
CA GLY B 161 -13.93 11.31 22.20
C GLY B 161 -14.19 11.68 20.75
N ASN B 162 -13.24 11.41 19.85
CA ASN B 162 -13.39 11.77 18.45
C ASN B 162 -13.93 10.59 17.67
N PRO B 163 -15.15 10.65 17.13
CA PRO B 163 -15.68 9.52 16.36
C PRO B 163 -14.91 9.24 15.08
N GLU B 164 -14.04 10.15 14.64
CA GLU B 164 -13.21 9.89 13.47
C GLU B 164 -12.09 8.90 13.77
N ALA B 165 -11.68 8.81 15.03
CA ALA B 165 -10.65 7.87 15.49
C ALA B 165 -10.78 7.69 17.00
N PRO B 166 -11.80 6.98 17.47
CA PRO B 166 -12.07 6.94 18.91
C PRO B 166 -11.25 5.91 19.68
N GLY B 167 -10.45 5.10 19.00
CA GLY B 167 -9.73 4.04 19.66
C GLY B 167 -10.58 2.78 19.83
N ASN B 168 -9.88 1.67 20.09
CA ASN B 168 -10.53 0.37 20.34
C ASN B 168 -11.40 -0.07 19.16
N MET B 169 -11.04 0.35 17.95
CA MET B 169 -11.84 -0.03 16.78
C MET B 169 -11.78 -1.52 16.52
N GLY B 170 -10.60 -2.14 16.68
CA GLY B 170 -10.48 -3.57 16.49
C GLY B 170 -11.32 -4.37 17.46
N LEU B 171 -11.52 -3.84 18.67
CA LEU B 171 -12.38 -4.52 19.63
C LEU B 171 -13.85 -4.35 19.26
N PHE B 172 -14.20 -3.26 18.58
CA PHE B 172 -15.55 -3.08 18.10
C PHE B 172 -15.83 -3.93 16.86
N ASP B 173 -14.79 -4.32 16.12
CA ASP B 173 -14.98 -5.27 15.03
C ASP B 173 -15.39 -6.63 15.57
N GLN B 174 -14.64 -7.16 16.55
CA GLN B 174 -15.00 -8.42 17.18
C GLN B 174 -16.41 -8.34 17.78
N GLN B 175 -16.77 -7.19 18.33
CA GLN B 175 -18.11 -7.02 18.89
C GLN B 175 -19.18 -7.09 17.80
N LEU B 176 -18.93 -6.48 16.64
CA LEU B 176 -19.89 -6.56 15.55
C LEU B 176 -19.98 -7.96 14.98
N ALA B 177 -18.85 -8.69 14.94
CA ALA B 177 -18.89 -10.09 14.57
C ALA B 177 -19.69 -10.89 15.60
N LEU B 178 -19.57 -10.54 16.87
CA LEU B 178 -20.39 -11.19 17.90
C LEU B 178 -21.86 -10.84 17.73
N LYS B 179 -22.15 -9.59 17.33
CA LYS B 179 -23.53 -9.22 17.03
C LYS B 179 -24.05 -9.98 15.82
N TRP B 180 -23.19 -10.19 14.82
CA TRP B 180 -23.58 -10.98 13.66
C TRP B 180 -23.94 -12.41 14.04
N VAL B 181 -23.22 -12.97 15.02
CA VAL B 181 -23.53 -14.31 15.51
C VAL B 181 -24.89 -14.32 16.20
N GLN B 182 -25.16 -13.32 17.04
CA GLN B 182 -26.45 -13.22 17.69
C GLN B 182 -27.60 -13.14 16.69
N ASP B 183 -27.36 -12.49 15.54
CA ASP B 183 -28.41 -12.28 14.56
C ASP B 183 -28.56 -13.42 13.57
N ASN B 184 -27.51 -14.19 13.33
CA ASN B 184 -27.51 -15.14 12.20
C ASN B 184 -27.18 -16.58 12.56
N ILE B 185 -26.56 -16.86 13.71
CA ILE B 185 -26.09 -18.21 13.98
C ILE B 185 -27.23 -19.21 14.11
N ALA B 186 -28.45 -18.74 14.41
CA ALA B 186 -29.58 -19.66 14.50
C ALA B 186 -29.87 -20.30 13.15
N ALA B 187 -29.69 -19.54 12.05
CA ALA B 187 -29.89 -20.09 10.72
C ALA B 187 -28.86 -21.16 10.38
N PHE B 188 -27.70 -21.15 11.04
CA PHE B 188 -26.68 -22.18 10.86
C PHE B 188 -26.86 -23.35 11.82
N GLY B 189 -27.84 -23.28 12.71
CA GLY B 189 -28.06 -24.35 13.67
C GLY B 189 -27.48 -24.13 15.05
N GLY B 190 -27.14 -22.90 15.40
CA GLY B 190 -26.51 -22.62 16.69
C GLY B 190 -27.41 -21.88 17.67
N ASP B 191 -27.05 -21.96 18.95
CA ASP B 191 -27.79 -21.27 20.01
C ASP B 191 -27.09 -19.96 20.33
N PRO B 192 -27.65 -18.81 19.96
CA PRO B 192 -27.01 -17.53 20.31
C PRO B 192 -26.89 -17.30 21.81
N ASN B 193 -27.66 -18.01 22.63
CA ASN B 193 -27.54 -17.94 24.08
C ASN B 193 -26.60 -19.00 24.64
N ARG B 194 -25.70 -19.52 23.82
CA ARG B 194 -24.78 -20.58 24.22
C ARG B 194 -23.44 -20.38 23.51
N VAL B 195 -22.93 -19.16 23.57
CA VAL B 195 -21.72 -18.75 22.85
C VAL B 195 -20.57 -18.64 23.83
N THR B 196 -19.42 -19.20 23.48
CA THR B 196 -18.22 -19.15 24.30
C THR B 196 -17.11 -18.50 23.50
N LEU B 197 -16.50 -17.48 24.08
CA LEU B 197 -15.35 -16.81 23.47
C LEU B 197 -14.07 -17.49 23.94
N PHE B 198 -13.21 -17.86 22.99
CA PHE B 198 -11.89 -18.35 23.35
C PHE B 198 -10.86 -17.72 22.43
N GLY B 199 -9.70 -17.40 23.00
CA GLY B 199 -8.64 -16.72 22.27
C GLY B 199 -7.33 -16.89 23.01
N GLU B 200 -6.25 -16.48 22.35
CA GLU B 200 -4.92 -16.65 22.89
C GLU B 200 -4.14 -15.34 22.78
N SER B 201 -3.34 -15.06 23.81
CA SER B 201 -2.44 -13.91 23.86
C SER B 201 -3.26 -12.64 23.75
N ALA B 202 -3.04 -11.78 22.74
CA ALA B 202 -3.88 -10.60 22.57
C ALA B 202 -5.33 -10.99 22.36
N GLY B 203 -5.59 -12.17 21.79
CA GLY B 203 -6.95 -12.67 21.71
C GLY B 203 -7.53 -13.00 23.06
N ALA B 204 -6.70 -13.49 23.98
CA ALA B 204 -7.17 -13.75 25.34
C ALA B 204 -7.43 -12.45 26.08
N ALA B 205 -6.59 -11.44 25.86
CA ALA B 205 -6.88 -10.12 26.42
C ALA B 205 -8.13 -9.52 25.78
N SER B 206 -8.32 -9.75 24.48
CA SER B 206 -9.53 -9.29 23.81
C SER B 206 -10.77 -9.94 24.42
N VAL B 207 -10.72 -11.25 24.64
CA VAL B 207 -11.85 -11.96 25.24
C VAL B 207 -12.18 -11.39 26.61
N SER B 208 -11.16 -11.23 27.46
CA SER B 208 -11.40 -10.75 28.81
C SER B 208 -11.87 -9.30 28.83
N LEU B 209 -11.50 -8.51 27.81
CA LEU B 209 -12.01 -7.16 27.72
C LEU B 209 -13.51 -7.15 27.40
N HIS B 210 -13.98 -8.13 26.63
CA HIS B 210 -15.42 -8.25 26.40
C HIS B 210 -16.16 -8.55 27.70
N LEU B 211 -15.52 -9.27 28.62
CA LEU B 211 -16.11 -9.45 29.94
C LEU B 211 -16.20 -8.14 30.71
N LEU B 212 -15.31 -7.19 30.42
CA LEU B 212 -15.30 -5.90 31.08
C LEU B 212 -16.05 -4.83 30.30
N SER B 213 -16.73 -5.21 29.21
CA SER B 213 -17.46 -4.27 28.37
C SER B 213 -18.95 -4.64 28.40
N PRO B 214 -19.78 -3.92 29.17
CA PRO B 214 -21.22 -4.22 29.18
C PRO B 214 -21.87 -4.28 27.81
N GLY B 215 -21.30 -3.58 26.81
CA GLY B 215 -21.82 -3.66 25.46
C GLY B 215 -21.70 -5.04 24.85
N SER B 216 -20.85 -5.91 25.41
CA SER B 216 -20.64 -7.24 24.88
C SER B 216 -21.26 -8.34 25.74
N HIS B 217 -21.76 -8.01 26.93
CA HIS B 217 -22.25 -9.05 27.84
C HIS B 217 -23.36 -9.89 27.24
N PRO B 218 -24.42 -9.35 26.60
CA PRO B 218 -25.46 -10.22 26.06
C PRO B 218 -25.07 -10.88 24.74
N LEU B 219 -23.82 -10.72 24.32
CA LEU B 219 -23.35 -11.28 23.06
C LEU B 219 -22.63 -12.61 23.23
N PHE B 220 -22.36 -13.05 24.47
CA PHE B 220 -21.75 -14.35 24.70
C PHE B 220 -22.17 -14.87 26.07
N THR B 221 -21.80 -16.11 26.35
CA THR B 221 -22.15 -16.77 27.60
C THR B 221 -20.95 -17.03 28.50
N ARG B 222 -19.89 -17.61 27.97
CA ARG B 222 -18.69 -17.93 28.74
C ARG B 222 -17.46 -17.48 27.98
N ALA B 223 -16.30 -17.62 28.62
CA ALA B 223 -15.05 -17.11 28.08
C ALA B 223 -13.90 -18.05 28.45
N ILE B 224 -12.94 -18.16 27.52
CA ILE B 224 -11.74 -18.96 27.72
C ILE B 224 -10.52 -18.09 27.43
N LEU B 225 -9.55 -18.11 28.34
CA LEU B 225 -8.40 -17.21 28.32
C LEU B 225 -7.13 -18.04 28.23
N GLN B 226 -6.47 -18.01 27.08
CA GLN B 226 -5.24 -18.77 26.85
C GLN B 226 -4.06 -17.80 26.81
N SER B 227 -3.22 -17.86 27.85
CA SER B 227 -1.97 -17.10 27.90
C SER B 227 -2.18 -15.61 27.66
N GLY B 228 -3.08 -15.03 28.45
CA GLY B 228 -3.36 -13.61 28.34
C GLY B 228 -4.60 -13.17 29.09
N SER B 229 -4.65 -11.90 29.49
CA SER B 229 -5.79 -11.36 30.20
C SER B 229 -5.76 -9.85 30.09
N ALA B 230 -6.91 -9.24 30.33
CA ALA B 230 -7.04 -7.79 30.17
C ALA B 230 -6.23 -7.01 31.21
N ASN B 231 -5.91 -7.62 32.34
CA ASN B 231 -5.12 -6.94 33.38
C ASN B 231 -3.62 -7.13 33.19
N ALA B 232 -3.19 -7.80 32.12
CA ALA B 232 -1.77 -7.93 31.86
C ALA B 232 -1.15 -6.56 31.59
N PRO B 233 0.11 -6.35 31.97
CA PRO B 233 0.72 -5.02 31.80
C PRO B 233 0.79 -4.54 30.37
N TRP B 234 0.74 -5.45 29.39
CA TRP B 234 0.80 -5.09 27.99
C TRP B 234 -0.56 -4.91 27.34
N ALA B 235 -1.65 -5.18 28.08
CA ALA B 235 -2.97 -5.25 27.45
C ALA B 235 -3.52 -3.86 27.13
N VAL B 236 -3.63 -3.00 28.14
CA VAL B 236 -4.31 -1.71 28.00
C VAL B 236 -3.34 -0.59 28.36
N MET B 237 -3.21 0.38 27.46
CA MET B 237 -2.43 1.58 27.70
C MET B 237 -3.36 2.73 28.07
N SER B 238 -2.79 3.74 28.74
CA SER B 238 -3.57 4.86 29.20
C SER B 238 -4.04 5.71 28.01
N PRO B 239 -5.16 6.42 28.15
CA PRO B 239 -5.62 7.28 27.05
C PRO B 239 -4.64 8.39 26.70
N GLU B 240 -3.85 8.85 27.67
CA GLU B 240 -2.79 9.81 27.36
C GLU B 240 -1.69 9.16 26.55
N GLU B 241 -1.27 7.95 26.94
CA GLU B 241 -0.28 7.21 26.16
C GLU B 241 -0.79 6.92 24.76
N ALA B 242 -2.10 6.72 24.61
CA ALA B 242 -2.67 6.41 23.31
C ALA B 242 -2.62 7.62 22.38
N ARG B 243 -3.10 8.78 22.87
CA ARG B 243 -3.12 9.98 22.04
C ARG B 243 -1.71 10.45 21.70
N ASN B 244 -0.76 10.28 22.64
CA ASN B 244 0.62 10.64 22.35
C ASN B 244 1.19 9.83 21.20
N ARG B 245 0.81 8.55 21.11
CA ARG B 245 1.28 7.73 20.00
C ARG B 245 0.56 8.10 18.70
N THR B 246 -0.64 8.66 18.79
CA THR B 246 -1.31 9.17 17.60
C THR B 246 -0.63 10.43 17.08
N LEU B 247 -0.20 11.31 17.99
CA LEU B 247 0.48 12.53 17.57
C LEU B 247 1.88 12.25 17.05
N ASN B 248 2.56 11.24 17.59
CA ASN B 248 3.88 10.88 17.09
C ASN B 248 3.79 10.28 15.69
N LEU B 249 2.80 9.41 15.46
CA LEU B 249 2.63 8.82 14.13
C LEU B 249 2.27 9.88 13.10
N ALA B 250 1.39 10.82 13.46
CA ALA B 250 1.05 11.90 12.54
C ALA B 250 2.26 12.76 12.24
N LYS B 251 3.09 13.03 13.25
CA LYS B 251 4.27 13.86 13.03
C LYS B 251 5.30 13.14 12.17
N LEU B 252 5.44 11.82 12.35
CA LEU B 252 6.37 11.07 11.52
C LEU B 252 5.93 11.05 10.06
N LEU B 253 4.62 11.10 9.81
CA LEU B 253 4.09 11.11 8.46
C LEU B 253 3.84 12.51 7.94
N GLY B 254 4.14 13.55 8.72
CA GLY B 254 3.89 14.91 8.31
C GLY B 254 2.43 15.32 8.39
N CYS B 255 1.66 14.70 9.28
CA CYS B 255 0.24 15.00 9.42
C CYS B 255 -0.07 15.82 10.66
N SER B 256 0.94 16.38 11.31
CA SER B 256 0.70 17.25 12.46
C SER B 256 -0.11 18.47 12.03
N ARG B 257 -1.20 18.73 12.72
CA ARG B 257 -2.10 19.82 12.36
C ARG B 257 -2.56 20.55 13.62
N GLU B 258 -3.12 21.73 13.40
CA GLU B 258 -3.74 22.53 14.45
C GLU B 258 -5.02 21.90 14.98
N ASN B 259 -5.54 20.89 14.30
CA ASN B 259 -6.87 20.36 14.57
C ASN B 259 -6.83 18.85 14.34
N GLU B 260 -7.40 18.09 15.27
CA GLU B 260 -7.24 16.65 15.20
C GLU B 260 -8.10 16.00 14.12
N THR B 261 -9.13 16.69 13.60
CA THR B 261 -9.80 16.17 12.41
C THR B 261 -8.99 16.43 11.16
N GLU B 262 -8.27 17.57 11.10
CA GLU B 262 -7.29 17.76 10.04
C GLU B 262 -6.16 16.75 10.16
N ILE B 263 -5.87 16.30 11.38
CA ILE B 263 -4.88 15.24 11.57
C ILE B 263 -5.38 13.93 10.95
N ILE B 264 -6.62 13.56 11.25
CA ILE B 264 -7.17 12.32 10.70
C ILE B 264 -7.35 12.43 9.19
N LYS B 265 -7.72 13.62 8.71
CA LYS B 265 -7.88 13.82 7.27
C LYS B 265 -6.58 13.60 6.52
N CYS B 266 -5.47 14.09 7.07
CA CYS B 266 -4.16 13.84 6.46
C CYS B 266 -3.81 12.36 6.54
N LEU B 267 -4.08 11.72 7.67
CA LEU B 267 -3.74 10.31 7.82
C LEU B 267 -4.61 9.41 6.95
N ARG B 268 -5.84 9.85 6.65
CA ARG B 268 -6.73 9.06 5.80
C ARG B 268 -6.27 9.04 4.35
N ASN B 269 -5.41 9.98 3.94
CA ASN B 269 -4.89 10.01 2.59
C ASN B 269 -3.57 9.27 2.44
N LYS B 270 -2.93 8.90 3.54
CA LYS B 270 -1.69 8.15 3.48
C LYS B 270 -1.94 6.73 3.01
N ASP B 271 -0.96 6.18 2.31
CA ASP B 271 -1.05 4.78 1.89
C ASP B 271 -1.03 3.88 3.12
N PRO B 272 -1.80 2.77 3.11
CA PRO B 272 -1.77 1.86 4.26
C PRO B 272 -0.37 1.38 4.62
N GLN B 273 0.50 1.16 3.62
CA GLN B 273 1.87 0.74 3.91
C GLN B 273 2.65 1.85 4.60
N GLU B 274 2.36 3.11 4.29
CA GLU B 274 3.06 4.21 4.94
C GLU B 274 2.78 4.24 6.44
N ILE B 275 1.56 3.89 6.83
CA ILE B 275 1.22 3.85 8.25
C ILE B 275 1.90 2.66 8.91
N LEU B 276 1.95 1.51 8.23
CA LEU B 276 2.61 0.34 8.78
C LEU B 276 4.10 0.59 9.01
N ASP B 277 4.74 1.35 8.11
CA ASP B 277 6.17 1.55 8.18
C ASP B 277 6.58 2.50 9.29
N ASN B 278 5.65 3.26 9.87
CA ASN B 278 5.95 4.21 10.91
C ASN B 278 5.33 3.86 12.25
N GLU B 279 4.63 2.73 12.35
CA GLU B 279 4.02 2.35 13.62
C GLU B 279 5.08 2.02 14.67
N ALA B 280 6.23 1.50 14.26
CA ALA B 280 7.23 1.03 15.20
C ALA B 280 8.01 2.16 15.87
N PHE B 281 7.83 3.41 15.41
CA PHE B 281 8.62 4.54 15.91
C PHE B 281 7.81 5.49 16.77
N VAL B 282 6.60 5.09 17.20
CA VAL B 282 5.78 5.95 18.05
C VAL B 282 6.09 5.79 19.53
N VAL B 283 6.92 4.81 19.89
CA VAL B 283 7.28 4.58 21.29
C VAL B 283 8.79 4.76 21.44
N PRO B 284 9.26 5.42 22.49
CA PRO B 284 10.71 5.59 22.67
C PRO B 284 11.43 4.28 22.95
N TYR B 285 11.29 3.78 24.18
CA TYR B 285 11.91 2.52 24.57
C TYR B 285 10.93 1.40 24.26
N SER B 286 11.11 0.76 23.11
CA SER B 286 10.23 -0.32 22.66
C SER B 286 10.78 -1.65 23.16
N THR B 287 10.21 -2.15 24.25
CA THR B 287 10.52 -3.50 24.69
C THR B 287 9.94 -4.50 23.70
N PRO B 288 10.46 -5.73 23.69
CA PRO B 288 9.90 -6.76 22.78
C PRO B 288 8.43 -7.05 23.03
N LEU B 289 7.86 -6.61 24.16
CA LEU B 289 6.45 -6.75 24.45
C LEU B 289 5.70 -5.43 24.32
N SER B 290 6.25 -4.48 23.57
CA SER B 290 5.61 -3.18 23.41
C SER B 290 4.45 -3.27 22.44
N VAL B 291 3.33 -2.66 22.82
CA VAL B 291 2.14 -2.58 21.97
C VAL B 291 2.12 -1.19 21.38
N ASN B 292 2.50 -1.08 20.09
CA ASN B 292 2.54 0.22 19.43
C ASN B 292 1.18 0.92 19.49
N PHE B 293 0.16 0.30 18.89
CA PHE B 293 -1.21 0.77 19.02
C PHE B 293 -2.08 -0.40 19.47
N GLY B 294 -2.81 -0.21 20.56
CA GLY B 294 -3.65 -1.24 21.11
C GLY B 294 -4.79 -0.69 21.94
N PRO B 295 -5.40 -1.55 22.75
CA PRO B 295 -6.54 -1.11 23.56
C PRO B 295 -6.16 0.01 24.51
N THR B 296 -7.14 0.89 24.77
CA THR B 296 -6.99 1.99 25.71
C THR B 296 -8.33 2.22 26.38
N VAL B 297 -8.34 3.14 27.35
CA VAL B 297 -9.58 3.59 27.96
C VAL B 297 -10.19 4.66 27.06
N ASP B 298 -11.09 4.25 26.18
CA ASP B 298 -11.71 5.17 25.23
C ASP B 298 -13.02 5.76 25.76
N GLY B 299 -13.59 5.20 26.82
CA GLY B 299 -14.85 5.66 27.34
C GLY B 299 -16.07 4.99 26.73
N ASP B 300 -15.90 4.23 25.66
CA ASP B 300 -17.01 3.53 25.00
C ASP B 300 -16.90 2.04 25.21
N PHE B 301 -15.91 1.38 24.59
CA PHE B 301 -15.71 -0.05 24.83
C PHE B 301 -15.10 -0.31 26.20
N LEU B 302 -14.40 0.66 26.78
CA LEU B 302 -13.74 0.49 28.07
C LEU B 302 -13.81 1.80 28.82
N THR B 303 -14.51 1.82 29.95
CA THR B 303 -14.71 3.05 30.71
C THR B 303 -13.62 3.32 31.73
N ASP B 304 -12.96 2.29 32.24
CA ASP B 304 -11.93 2.43 33.25
C ASP B 304 -10.84 1.38 33.02
N MET B 305 -9.78 1.47 33.81
CA MET B 305 -8.70 0.50 33.70
C MET B 305 -9.19 -0.87 34.17
N PRO B 306 -8.74 -1.96 33.53
CA PRO B 306 -9.20 -3.30 33.94
C PRO B 306 -8.97 -3.60 35.41
N ASP B 307 -7.85 -3.14 35.98
CA ASP B 307 -7.62 -3.34 37.41
C ASP B 307 -8.70 -2.66 38.25
N THR B 308 -9.09 -1.45 37.87
CA THR B 308 -10.15 -0.75 38.59
C THR B 308 -11.50 -1.45 38.41
N LEU B 309 -11.78 -1.93 37.19
CA LEU B 309 -13.04 -2.64 36.95
C LEU B 309 -13.09 -3.95 37.72
N LEU B 310 -11.98 -4.70 37.74
CA LEU B 310 -11.98 -5.98 38.45
C LEU B 310 -12.11 -5.78 39.95
N GLU B 311 -11.52 -4.72 40.48
CA GLU B 311 -11.61 -4.45 41.92
C GLU B 311 -13.04 -4.10 42.32
N LEU B 312 -13.74 -3.34 41.49
CA LEU B 312 -15.11 -2.94 41.76
C LEU B 312 -16.13 -4.02 41.43
N GLY B 313 -15.69 -5.19 40.95
CA GLY B 313 -16.61 -6.24 40.60
C GLY B 313 -17.48 -5.94 39.39
N GLN B 314 -17.08 -4.99 38.55
CA GLN B 314 -17.88 -4.59 37.39
C GLN B 314 -17.40 -5.38 36.17
N PHE B 315 -17.93 -6.59 36.04
CA PHE B 315 -17.67 -7.42 34.86
C PHE B 315 -18.80 -8.41 34.72
N LYS B 316 -18.76 -9.16 33.61
CA LYS B 316 -19.81 -10.12 33.31
C LYS B 316 -19.71 -11.31 34.27
N LYS B 317 -20.81 -11.61 34.96
CA LYS B 317 -20.84 -12.68 35.95
C LYS B 317 -21.15 -13.99 35.23
N THR B 318 -20.13 -14.84 35.09
CA THR B 318 -20.26 -16.14 34.45
C THR B 318 -19.02 -16.96 34.76
N GLN B 319 -18.97 -18.16 34.18
CA GLN B 319 -17.82 -19.05 34.35
C GLN B 319 -16.76 -18.75 33.30
N ILE B 320 -15.50 -18.97 33.69
CA ILE B 320 -14.36 -18.70 32.81
C ILE B 320 -13.35 -19.83 32.91
N LEU B 321 -12.57 -20.00 31.86
CA LEU B 321 -11.47 -20.96 31.79
C LEU B 321 -10.19 -20.19 31.45
N VAL B 322 -9.24 -20.19 32.39
CA VAL B 322 -8.00 -19.45 32.24
C VAL B 322 -6.83 -20.41 32.39
N GLY B 323 -5.71 -20.07 31.76
CA GLY B 323 -4.51 -20.88 31.92
C GLY B 323 -3.36 -20.28 31.13
N VAL B 324 -2.17 -20.79 31.44
CA VAL B 324 -0.93 -20.32 30.83
C VAL B 324 -0.10 -21.52 30.41
N ASN B 325 0.89 -21.26 29.57
CA ASN B 325 1.88 -22.26 29.21
C ASN B 325 3.07 -22.19 30.17
N LYS B 326 3.90 -23.23 30.13
CA LYS B 326 4.98 -23.35 31.11
C LYS B 326 6.07 -22.30 30.87
N ASP B 327 6.42 -22.04 29.63
CA ASP B 327 7.51 -21.13 29.28
C ASP B 327 6.96 -20.00 28.41
N GLU B 328 6.21 -19.09 29.04
CA GLU B 328 5.58 -18.00 28.29
C GLU B 328 6.57 -16.94 27.85
N GLY B 329 7.73 -16.86 28.48
CA GLY B 329 8.65 -15.76 28.22
C GLY B 329 9.82 -16.06 27.31
N THR B 330 10.02 -17.34 26.97
CA THR B 330 11.19 -17.71 26.17
C THR B 330 11.13 -17.15 24.76
N ALA B 331 9.92 -17.00 24.20
CA ALA B 331 9.80 -16.54 22.83
C ALA B 331 10.26 -15.09 22.68
N PHE B 332 9.96 -14.24 23.67
CA PHE B 332 10.28 -12.82 23.56
C PHE B 332 11.75 -12.52 23.83
N LEU B 333 12.49 -13.46 24.43
CA LEU B 333 13.89 -13.20 24.75
C LEU B 333 14.74 -13.14 23.48
N VAL B 334 14.48 -14.03 22.52
CA VAL B 334 15.25 -14.03 21.27
C VAL B 334 14.87 -12.88 20.35
N TYR B 335 13.87 -12.08 20.72
CA TYR B 335 13.43 -10.93 19.94
C TYR B 335 13.85 -9.61 20.59
N GLY B 336 15.05 -9.56 21.14
CA GLY B 336 15.54 -8.32 21.71
C GLY B 336 16.54 -8.45 22.83
N ALA B 337 16.39 -9.46 23.69
CA ALA B 337 17.26 -9.59 24.84
C ALA B 337 18.68 -9.94 24.39
N PRO B 338 19.70 -9.26 24.92
CA PRO B 338 21.07 -9.54 24.47
C PRO B 338 21.55 -10.91 24.93
N GLY B 339 22.29 -11.58 24.04
CA GLY B 339 22.81 -12.90 24.36
C GLY B 339 21.86 -14.04 24.16
N PHE B 340 20.83 -13.87 23.32
CA PHE B 340 19.84 -14.90 23.08
C PHE B 340 19.74 -15.19 21.59
N SER B 341 19.66 -16.46 21.25
CA SER B 341 19.55 -16.87 19.85
C SER B 341 18.79 -18.18 19.78
N LYS B 342 18.06 -18.37 18.67
CA LYS B 342 17.37 -19.63 18.42
C LYS B 342 18.31 -20.73 17.95
N ASP B 343 19.59 -20.43 17.74
CA ASP B 343 20.53 -21.37 17.17
C ASP B 343 21.59 -21.85 18.17
N ASN B 344 21.42 -21.52 19.45
CA ASN B 344 22.30 -22.06 20.49
C ASN B 344 21.55 -22.05 21.82
N ASP B 345 22.20 -22.62 22.84
CA ASP B 345 21.56 -22.81 24.14
C ASP B 345 21.31 -21.48 24.86
N SER B 346 21.98 -20.41 24.45
CA SER B 346 21.78 -19.06 25.00
C SER B 346 22.04 -19.04 26.52
N ILE B 347 23.26 -19.40 26.88
CA ILE B 347 23.72 -19.30 28.27
C ILE B 347 24.18 -17.87 28.50
N ILE B 348 23.45 -17.14 29.34
CA ILE B 348 23.73 -15.73 29.57
C ILE B 348 24.40 -15.56 30.92
N THR B 349 25.25 -14.54 31.01
CA THR B 349 25.95 -14.22 32.25
C THR B 349 25.05 -13.42 33.17
N ARG B 350 25.57 -13.08 34.35
CA ARG B 350 24.83 -12.20 35.25
C ARG B 350 24.67 -10.81 34.64
N LYS B 351 25.71 -10.33 33.96
CA LYS B 351 25.62 -9.03 33.29
C LYS B 351 24.58 -9.05 32.18
N GLU B 352 24.54 -10.13 31.40
CA GLU B 352 23.55 -10.23 30.34
C GLU B 352 22.13 -10.29 30.89
N PHE B 353 21.96 -10.86 32.09
CA PHE B 353 20.65 -10.84 32.73
C PHE B 353 20.25 -9.42 33.12
N GLN B 354 21.19 -8.65 33.67
CA GLN B 354 20.89 -7.28 34.06
C GLN B 354 20.54 -6.43 32.85
N GLU B 355 21.22 -6.68 31.72
CA GLU B 355 20.89 -5.96 30.50
C GLU B 355 19.49 -6.31 30.01
N GLY B 356 19.11 -7.58 30.11
CA GLY B 356 17.76 -7.97 29.74
C GLY B 356 16.70 -7.32 30.61
N LEU B 357 17.03 -7.00 31.87
CA LEU B 357 16.06 -6.38 32.76
C LEU B 357 15.70 -4.98 32.29
N LYS B 358 16.70 -4.21 31.83
CA LYS B 358 16.43 -2.89 31.25
C LYS B 358 15.63 -3.01 29.96
N VAL B 359 15.95 -4.01 29.15
CA VAL B 359 15.27 -4.21 27.87
C VAL B 359 13.78 -4.39 28.11
N PHE B 360 13.42 -5.11 29.16
CA PHE B 360 12.02 -5.36 29.48
C PHE B 360 11.44 -4.35 30.48
N PHE B 361 12.29 -3.68 31.25
CA PHE B 361 11.86 -2.71 32.26
C PHE B 361 12.68 -1.44 32.13
N PRO B 362 12.43 -0.65 31.07
CA PRO B 362 13.28 0.54 30.85
C PRO B 362 12.99 1.68 31.81
N ASN B 363 11.74 1.85 32.23
CA ASN B 363 11.36 2.96 33.09
C ASN B 363 11.47 2.63 34.58
N VAL B 364 11.84 1.41 34.93
CA VAL B 364 12.03 1.06 36.32
C VAL B 364 13.33 1.69 36.82
N SER B 365 13.38 1.99 38.12
CA SER B 365 14.58 2.61 38.68
C SER B 365 15.70 1.59 38.81
N GLU B 366 16.95 2.09 38.72
CA GLU B 366 18.11 1.22 38.84
C GLU B 366 18.01 0.35 40.06
N PHE B 367 17.57 0.94 41.16
CA PHE B 367 17.36 0.12 42.33
C PHE B 367 16.27 -0.96 42.07
N GLY B 368 15.21 -0.61 41.31
CA GLY B 368 14.09 -1.53 41.12
C GLY B 368 14.45 -2.85 40.47
N LYS B 369 15.51 -2.86 39.66
CA LYS B 369 15.91 -4.09 38.97
C LYS B 369 16.95 -4.87 39.76
N GLU B 370 17.47 -4.27 40.83
CA GLU B 370 18.19 -5.05 41.83
C GLU B 370 17.22 -5.92 42.62
N SER B 371 16.02 -5.42 42.91
CA SER B 371 15.03 -6.23 43.62
C SER B 371 14.51 -7.36 42.74
N ILE B 372 14.35 -7.10 41.44
CA ILE B 372 14.00 -8.18 40.51
C ILE B 372 15.11 -9.22 40.47
N LEU B 373 16.37 -8.76 40.45
CA LEU B 373 17.49 -9.67 40.43
C LEU B 373 17.56 -10.50 41.70
N PHE B 374 17.32 -9.87 42.85
CA PHE B 374 17.41 -10.59 44.12
C PHE B 374 16.36 -11.69 44.21
N HIS B 375 15.11 -11.37 43.87
CA HIS B 375 14.02 -12.33 44.03
C HIS B 375 14.13 -13.52 43.08
N TYR B 376 14.91 -13.38 41.99
CA TYR B 376 14.98 -14.42 40.97
C TYR B 376 16.35 -15.07 40.88
N THR B 377 17.14 -15.02 41.96
CA THR B 377 18.46 -15.64 41.96
C THR B 377 18.68 -16.53 43.19
N ASP B 378 17.60 -16.93 43.87
CA ASP B 378 17.68 -17.90 44.95
C ASP B 378 17.68 -19.29 44.31
N TRP B 379 18.88 -19.75 43.96
CA TRP B 379 19.04 -20.87 43.03
C TRP B 379 18.58 -22.21 43.59
N GLU B 380 19.30 -22.73 44.58
CA GLU B 380 19.25 -24.10 45.11
C GLU B 380 20.09 -25.02 44.21
N ASP B 381 20.64 -24.52 43.10
CA ASP B 381 21.57 -25.24 42.23
C ASP B 381 22.50 -24.19 41.63
N GLU B 382 23.48 -23.76 42.43
CA GLU B 382 24.19 -22.52 42.18
C GLU B 382 25.12 -22.59 40.97
N ASP B 383 25.43 -23.78 40.47
CA ASP B 383 26.33 -23.92 39.34
C ASP B 383 25.65 -24.46 38.09
N ARG B 384 24.32 -24.54 38.08
CA ARG B 384 23.61 -24.88 36.86
C ARG B 384 23.84 -23.77 35.84
N PRO B 385 24.51 -24.05 34.72
CA PRO B 385 24.89 -22.95 33.81
C PRO B 385 23.71 -22.18 33.25
N GLU B 386 22.55 -22.82 33.10
CA GLU B 386 21.36 -22.18 32.56
C GLU B 386 20.58 -21.40 33.62
N ASN B 387 21.23 -21.03 34.73
CA ASN B 387 20.50 -20.37 35.82
C ASN B 387 19.96 -19.02 35.39
N TYR B 388 20.81 -18.17 34.81
CA TYR B 388 20.37 -16.84 34.43
C TYR B 388 19.47 -16.86 33.20
N ARG B 389 19.67 -17.84 32.30
CA ARG B 389 18.76 -17.98 31.17
C ARG B 389 17.35 -18.31 31.63
N ASP B 390 17.22 -19.25 32.56
CA ASP B 390 15.91 -19.61 33.09
C ASP B 390 15.32 -18.48 33.93
N ALA B 391 16.16 -17.71 34.62
CA ALA B 391 15.65 -16.65 35.49
C ALA B 391 15.00 -15.52 34.68
N LEU B 392 15.63 -15.11 33.59
CA LEU B 392 15.06 -14.05 32.76
C LEU B 392 13.79 -14.53 32.06
N ALA B 393 13.76 -15.80 31.65
CA ALA B 393 12.55 -16.35 31.04
C ALA B 393 11.41 -16.42 32.03
N GLU B 394 11.71 -16.60 33.32
CA GLU B 394 10.67 -16.61 34.34
C GLU B 394 10.23 -15.20 34.72
N VAL B 395 11.13 -14.24 34.69
CA VAL B 395 10.76 -12.85 34.95
C VAL B 395 9.73 -12.38 33.95
N VAL B 396 9.96 -12.68 32.66
CA VAL B 396 9.05 -12.24 31.61
C VAL B 396 7.75 -13.02 31.68
N GLY B 397 7.82 -14.33 31.92
CA GLY B 397 6.62 -15.14 31.92
C GLY B 397 5.71 -14.86 33.10
N ASP B 398 6.29 -14.56 34.27
CA ASP B 398 5.49 -14.34 35.46
C ASP B 398 4.83 -12.97 35.47
N TYR B 399 5.60 -11.93 35.12
CA TYR B 399 5.08 -10.57 35.23
C TYR B 399 4.10 -10.24 34.10
N PHE B 400 4.42 -10.64 32.88
CA PHE B 400 3.62 -10.26 31.72
C PHE B 400 2.45 -11.20 31.43
N PHE B 401 2.45 -12.41 32.00
CA PHE B 401 1.43 -13.38 31.61
C PHE B 401 0.86 -14.16 32.80
N ILE B 402 1.71 -14.93 33.49
CA ILE B 402 1.23 -15.91 34.45
C ILE B 402 0.51 -15.24 35.61
N CYS B 403 1.19 -14.33 36.30
CA CYS B 403 0.59 -13.70 37.48
C CYS B 403 -0.66 -12.88 37.17
N PRO B 404 -0.71 -12.05 36.12
CA PRO B 404 -1.97 -11.36 35.84
C PRO B 404 -3.11 -12.30 35.46
N ALA B 405 -2.82 -13.40 34.77
CA ALA B 405 -3.88 -14.37 34.48
C ALA B 405 -4.42 -15.00 35.76
N LEU B 406 -3.54 -15.25 36.73
CA LEU B 406 -3.99 -15.74 38.03
C LEU B 406 -4.84 -14.70 38.75
N GLU B 407 -4.41 -13.44 38.70
CA GLU B 407 -5.18 -12.37 39.34
C GLU B 407 -6.56 -12.23 38.72
N PHE B 408 -6.69 -12.51 37.42
CA PHE B 408 -7.99 -12.43 36.77
C PHE B 408 -8.92 -13.54 37.26
N ALA B 409 -8.44 -14.78 37.28
CA ALA B 409 -9.25 -15.89 37.77
C ALA B 409 -9.55 -15.74 39.26
N LYS B 410 -8.62 -15.13 40.02
CA LYS B 410 -8.86 -14.92 41.44
C LYS B 410 -9.96 -13.90 41.67
N LYS B 411 -9.96 -12.81 40.88
CA LYS B 411 -11.00 -11.80 41.02
C LYS B 411 -12.38 -12.36 40.67
N TYR B 412 -12.43 -13.24 39.67
CA TYR B 412 -13.71 -13.86 39.32
C TYR B 412 -14.17 -14.83 40.40
N ALA B 413 -13.22 -15.56 41.01
CA ALA B 413 -13.57 -16.42 42.13
C ALA B 413 -13.98 -15.59 43.35
N GLU B 414 -13.32 -14.44 43.55
CA GLU B 414 -13.65 -13.57 44.68
C GLU B 414 -15.10 -13.10 44.63
N HIS B 415 -15.70 -13.05 43.45
CA HIS B 415 -17.07 -12.57 43.27
C HIS B 415 -18.05 -13.70 43.00
N GLY B 416 -17.71 -14.91 43.43
CA GLY B 416 -18.65 -16.02 43.36
C GLY B 416 -18.87 -16.58 41.97
N ASN B 417 -17.84 -16.59 41.13
CA ASN B 417 -17.92 -17.15 39.79
C ASN B 417 -16.97 -18.34 39.67
N ASN B 418 -17.46 -19.40 39.04
CA ASN B 418 -16.66 -20.60 38.86
C ASN B 418 -15.54 -20.34 37.85
N ALA B 419 -14.30 -20.57 38.27
CA ALA B 419 -13.13 -20.40 37.42
C ALA B 419 -12.34 -21.71 37.39
N TYR B 420 -11.80 -22.03 36.22
CA TYR B 420 -11.02 -23.25 36.02
C TYR B 420 -9.67 -22.88 35.44
N PHE B 421 -8.60 -23.14 36.20
CA PHE B 421 -7.25 -22.76 35.80
C PHE B 421 -6.46 -23.99 35.41
N TYR B 422 -5.74 -23.90 34.28
CA TYR B 422 -4.91 -24.98 33.78
C TYR B 422 -3.46 -24.53 33.67
N TYR B 423 -2.57 -25.50 33.45
CA TYR B 423 -1.14 -25.28 33.33
C TYR B 423 -0.63 -26.22 32.24
N PHE B 424 -0.44 -25.70 31.03
CA PHE B 424 -0.04 -26.50 29.89
C PHE B 424 1.47 -26.62 29.87
N GLU B 425 1.97 -27.86 29.99
CA GLU B 425 3.40 -28.09 30.16
C GLU B 425 3.92 -29.19 29.24
N HIS B 426 3.37 -29.30 28.04
CA HIS B 426 3.84 -30.28 27.05
C HIS B 426 4.47 -29.54 25.89
N ARG B 427 5.74 -29.85 25.62
CA ARG B 427 6.43 -29.31 24.45
C ARG B 427 6.03 -30.14 23.23
N SER B 428 5.46 -29.48 22.23
CA SER B 428 4.99 -30.18 21.04
C SER B 428 6.15 -30.85 20.31
N SER B 429 5.93 -32.09 19.88
CA SER B 429 6.96 -32.83 19.15
C SER B 429 7.26 -32.20 17.80
N LYS B 430 6.38 -31.32 17.31
CA LYS B 430 6.61 -30.59 16.06
C LYS B 430 6.91 -29.12 16.31
N LEU B 431 7.54 -28.81 17.45
CA LEU B 431 7.88 -27.44 17.80
C LEU B 431 9.15 -27.01 17.07
N PRO B 432 9.06 -26.04 16.16
CA PRO B 432 10.25 -25.69 15.34
C PRO B 432 11.34 -24.99 16.12
N TRP B 433 11.04 -24.38 17.27
CA TRP B 433 12.03 -23.67 18.05
C TRP B 433 12.89 -24.64 18.85
N PRO B 434 14.08 -24.22 19.29
CA PRO B 434 14.99 -25.14 19.99
C PRO B 434 14.41 -25.66 21.30
N GLU B 435 15.12 -26.64 21.86
CA GLU B 435 14.62 -27.37 23.03
C GLU B 435 14.64 -26.51 24.29
N TRP B 436 15.57 -25.56 24.38
CA TRP B 436 15.70 -24.79 25.62
C TRP B 436 14.56 -23.80 25.80
N MET B 437 13.85 -23.43 24.74
CA MET B 437 12.75 -22.50 24.86
C MET B 437 11.49 -23.14 25.45
N GLY B 438 11.44 -24.46 25.55
CA GLY B 438 10.42 -25.17 26.29
C GLY B 438 9.03 -25.00 25.70
N VAL B 439 8.03 -25.10 26.58
CA VAL B 439 6.63 -24.93 26.21
C VAL B 439 6.34 -23.45 26.00
N MET B 440 6.52 -22.99 24.77
CA MET B 440 6.54 -21.55 24.52
C MET B 440 5.14 -20.98 24.33
N HIS B 441 5.07 -19.66 24.42
CA HIS B 441 3.88 -18.88 24.14
C HIS B 441 3.30 -19.24 22.77
N GLY B 442 2.02 -19.64 22.76
CA GLY B 442 1.29 -19.86 21.54
C GLY B 442 1.27 -21.28 21.01
N TYR B 443 1.86 -22.23 21.73
CA TYR B 443 1.97 -23.60 21.23
C TYR B 443 1.13 -24.58 22.03
N GLU B 444 0.04 -24.09 22.62
CA GLU B 444 -1.09 -24.92 23.02
C GLU B 444 -2.25 -24.82 22.04
N ILE B 445 -2.14 -23.93 21.05
CA ILE B 445 -3.25 -23.68 20.13
C ILE B 445 -3.47 -24.86 19.21
N GLU B 446 -2.38 -25.48 18.72
CA GLU B 446 -2.53 -26.61 17.81
C GLU B 446 -3.22 -27.78 18.48
N PHE B 447 -3.02 -27.95 19.79
CA PHE B 447 -3.73 -29.00 20.51
C PHE B 447 -5.18 -28.62 20.78
N VAL B 448 -5.45 -27.32 21.00
CA VAL B 448 -6.81 -26.87 21.22
C VAL B 448 -7.66 -27.09 19.98
N PHE B 449 -7.09 -26.86 18.80
CA PHE B 449 -7.82 -26.96 17.54
C PHE B 449 -7.76 -28.36 16.92
N GLY B 450 -7.11 -29.32 17.58
CA GLY B 450 -7.15 -30.69 17.13
C GLY B 450 -6.21 -31.05 16.00
N LEU B 451 -5.13 -30.28 15.81
CA LEU B 451 -4.18 -30.62 14.77
C LEU B 451 -3.49 -31.97 14.97
N PRO B 452 -3.12 -32.40 16.18
CA PRO B 452 -2.56 -33.76 16.33
C PRO B 452 -3.49 -34.87 15.88
N LEU B 453 -4.80 -34.61 15.80
CA LEU B 453 -5.73 -35.66 15.36
C LEU B 453 -5.59 -35.98 13.88
N GLU B 454 -5.04 -35.07 13.09
CA GLU B 454 -4.80 -35.33 11.67
C GLU B 454 -3.50 -36.13 11.51
N ARG B 455 -3.61 -37.29 10.87
CA ARG B 455 -2.47 -38.20 10.83
C ARG B 455 -1.31 -37.65 10.01
N ARG B 456 -1.61 -36.95 8.90
CA ARG B 456 -0.56 -36.52 7.98
C ARG B 456 0.37 -35.48 8.60
N LEU B 457 0.00 -34.89 9.75
CA LEU B 457 0.91 -34.01 10.47
C LEU B 457 1.94 -34.80 11.29
N ASN B 458 1.66 -36.08 11.57
CA ASN B 458 2.64 -37.01 12.14
C ASN B 458 3.04 -36.63 13.56
N TYR B 459 2.08 -36.16 14.35
CA TYR B 459 2.27 -36.04 15.78
C TYR B 459 2.35 -37.42 16.42
N THR B 460 2.90 -37.47 17.62
CA THR B 460 2.95 -38.72 18.35
C THR B 460 1.56 -39.11 18.84
N LYS B 461 1.43 -40.35 19.31
CA LYS B 461 0.12 -40.88 19.70
C LYS B 461 -0.34 -40.29 21.03
N GLU B 462 0.59 -40.05 21.96
CA GLU B 462 0.23 -39.39 23.20
C GLU B 462 -0.28 -37.97 22.98
N GLU B 463 0.09 -37.34 21.85
CA GLU B 463 -0.37 -35.99 21.58
C GLU B 463 -1.78 -35.96 21.02
N GLU B 464 -2.18 -36.98 20.26
CA GLU B 464 -3.58 -37.07 19.84
C GLU B 464 -4.49 -37.25 21.04
N ILE B 465 -4.09 -38.12 21.98
CA ILE B 465 -4.87 -38.30 23.20
C ILE B 465 -4.95 -36.99 23.98
N LEU B 466 -3.80 -36.31 24.13
CA LEU B 466 -3.79 -35.04 24.85
C LEU B 466 -4.64 -33.99 24.13
N SER B 467 -4.54 -33.93 22.79
CA SER B 467 -5.38 -33.00 22.04
C SER B 467 -6.85 -33.36 22.14
N ARG B 468 -7.17 -34.65 22.23
CA ARG B 468 -8.57 -35.06 22.34
C ARG B 468 -9.16 -34.67 23.70
N GLU B 469 -8.35 -34.75 24.76
CA GLU B 469 -8.83 -34.36 26.09
C GLU B 469 -8.99 -32.85 26.20
N ILE B 470 -8.06 -32.10 25.62
CA ILE B 470 -8.16 -30.64 25.65
C ILE B 470 -9.38 -30.18 24.85
N MET B 471 -9.61 -30.77 23.68
CA MET B 471 -10.81 -30.46 22.92
C MET B 471 -12.06 -30.82 23.71
N ARG B 472 -12.03 -31.94 24.43
CA ARG B 472 -13.19 -32.37 25.20
C ARG B 472 -13.46 -31.42 26.37
N ARG B 473 -12.39 -30.95 27.03
CA ARG B 473 -12.58 -30.04 28.16
C ARG B 473 -12.98 -28.65 27.69
N TRP B 474 -12.35 -28.15 26.62
CA TRP B 474 -12.71 -26.86 26.07
C TRP B 474 -14.17 -26.83 25.62
N ALA B 475 -14.62 -27.89 24.95
CA ALA B 475 -15.98 -27.94 24.41
C ALA B 475 -17.01 -28.20 25.50
N ASN B 476 -16.69 -29.07 26.47
CA ASN B 476 -17.60 -29.32 27.57
C ASN B 476 -17.89 -28.03 28.34
N PHE B 477 -16.84 -27.26 28.65
CA PHE B 477 -17.02 -25.99 29.33
C PHE B 477 -17.87 -25.04 28.49
N ALA B 478 -17.73 -25.09 27.16
CA ALA B 478 -18.57 -24.25 26.30
C ALA B 478 -20.02 -24.72 26.31
N LYS B 479 -20.25 -26.04 26.33
CA LYS B 479 -21.61 -26.56 26.31
C LYS B 479 -22.27 -26.44 27.68
N TYR B 480 -21.57 -26.79 28.76
CA TYR B 480 -22.19 -26.92 30.07
C TYR B 480 -21.61 -25.99 31.13
N GLY B 481 -20.48 -25.34 30.87
CA GLY B 481 -19.84 -24.54 31.91
C GLY B 481 -18.96 -25.33 32.84
N ASN B 482 -18.72 -26.61 32.57
CA ASN B 482 -17.90 -27.47 33.41
C ASN B 482 -16.97 -28.26 32.48
N PRO B 483 -15.65 -28.11 32.62
CA PRO B 483 -14.74 -28.82 31.71
C PRO B 483 -14.47 -30.25 32.12
N ASN B 484 -15.51 -30.98 32.54
CA ASN B 484 -15.32 -32.30 33.10
C ASN B 484 -16.35 -33.28 32.56
N GLU B 485 -15.90 -34.51 32.29
CA GLU B 485 -16.78 -35.66 32.14
C GLU B 485 -16.83 -36.35 33.50
N THR B 486 -17.98 -36.24 34.18
CA THR B 486 -18.01 -36.39 35.62
C THR B 486 -18.21 -37.83 36.11
N GLN B 487 -18.73 -38.73 35.27
CA GLN B 487 -19.00 -40.09 35.75
C GLN B 487 -17.96 -41.11 35.30
N ASN B 488 -17.31 -40.91 34.15
CA ASN B 488 -16.40 -41.91 33.59
C ASN B 488 -15.09 -42.02 34.35
N ASN B 489 -15.03 -41.51 35.58
CA ASN B 489 -13.89 -41.68 36.48
C ASN B 489 -12.61 -41.06 35.92
N SER B 490 -12.75 -40.05 35.07
CA SER B 490 -11.60 -39.29 34.61
C SER B 490 -11.22 -38.25 35.67
N THR B 491 -10.06 -37.63 35.48
CA THR B 491 -9.59 -36.63 36.42
C THR B 491 -10.54 -35.44 36.45
N GLN B 492 -11.06 -35.12 37.63
CA GLN B 492 -12.00 -34.03 37.80
C GLN B 492 -11.25 -32.72 37.98
N TRP B 493 -11.65 -31.70 37.22
CA TRP B 493 -11.02 -30.39 37.27
C TRP B 493 -11.78 -29.52 38.27
N PRO B 494 -11.23 -29.26 39.45
CA PRO B 494 -11.96 -28.47 40.45
C PRO B 494 -11.89 -26.98 40.15
N VAL B 495 -12.78 -26.23 40.80
CA VAL B 495 -12.84 -24.80 40.57
C VAL B 495 -11.63 -24.12 41.19
N PHE B 496 -11.29 -22.96 40.63
CA PHE B 496 -10.15 -22.15 41.09
C PHE B 496 -10.66 -21.23 42.20
N LYS B 497 -10.33 -21.56 43.44
CA LYS B 497 -10.80 -20.77 44.56
C LYS B 497 -9.75 -19.75 44.99
N PRO B 498 -10.16 -18.62 45.56
CA PRO B 498 -9.18 -17.56 45.89
C PRO B 498 -8.13 -18.00 46.89
N THR B 499 -8.47 -18.90 47.80
CA THR B 499 -7.54 -19.39 48.82
C THR B 499 -6.87 -20.69 48.41
N GLU B 500 -7.68 -21.72 48.11
CA GLU B 500 -7.13 -23.01 47.69
C GLU B 500 -6.26 -22.86 46.45
N GLN B 501 -6.75 -22.13 45.45
CA GLN B 501 -5.99 -21.84 44.23
C GLN B 501 -5.60 -23.13 43.50
N LYS B 502 -6.59 -24.00 43.31
CA LYS B 502 -6.36 -25.27 42.66
C LYS B 502 -6.34 -25.11 41.14
N TYR B 503 -5.34 -25.71 40.50
CA TYR B 503 -5.25 -25.71 39.04
C TYR B 503 -4.85 -27.11 38.58
N LEU B 504 -5.01 -27.37 37.29
CA LEU B 504 -4.81 -28.69 36.71
C LEU B 504 -3.77 -28.63 35.60
N THR B 505 -2.80 -29.54 35.65
CA THR B 505 -1.76 -29.61 34.63
C THR B 505 -2.28 -30.33 33.39
N LEU B 506 -1.68 -29.98 32.24
CA LEU B 506 -2.00 -30.62 30.97
C LEU B 506 -0.71 -31.07 30.31
N ASN B 507 -0.63 -32.35 29.98
CA ASN B 507 0.57 -32.93 29.37
C ASN B 507 0.22 -34.34 28.88
N THR B 508 1.23 -35.04 28.37
CA THR B 508 1.07 -36.41 27.90
C THR B 508 1.22 -37.43 29.01
N GLU B 509 1.61 -37.00 30.21
CA GLU B 509 1.72 -37.90 31.36
C GLU B 509 0.45 -37.93 32.20
N SER B 510 0.13 -36.81 32.86
CA SER B 510 -0.65 -36.85 34.10
C SER B 510 -2.05 -36.27 33.86
N SER B 511 -2.31 -35.00 34.21
CA SER B 511 -3.57 -34.38 34.60
C SER B 511 -3.66 -34.38 36.11
N ARG B 512 -2.84 -33.57 36.78
CA ARG B 512 -2.76 -33.50 38.23
C ARG B 512 -3.34 -32.20 38.75
N ILE B 513 -4.03 -32.28 39.88
CA ILE B 513 -4.41 -31.09 40.62
C ILE B 513 -3.19 -30.54 41.35
N MET B 514 -3.01 -29.22 41.29
CA MET B 514 -1.95 -28.55 42.02
C MET B 514 -2.52 -27.29 42.65
N THR B 515 -1.71 -26.59 43.44
CA THR B 515 -2.19 -25.43 44.17
C THR B 515 -1.14 -24.32 44.13
N LYS B 516 -1.62 -23.08 44.03
CA LYS B 516 -0.81 -21.87 44.18
C LYS B 516 0.36 -21.87 43.19
N LEU B 517 0.00 -21.70 41.92
CA LEU B 517 0.98 -21.65 40.85
C LEU B 517 1.82 -20.38 40.97
N ARG B 518 3.14 -20.55 41.11
CA ARG B 518 4.08 -19.44 41.18
C ARG B 518 3.67 -18.42 42.25
N ALA B 519 3.08 -18.91 43.33
CA ALA B 519 2.55 -18.02 44.36
C ALA B 519 3.65 -17.16 44.98
N GLN B 520 4.84 -17.75 45.16
CA GLN B 520 5.95 -17.00 45.75
C GLN B 520 6.41 -15.87 44.85
N HIS B 521 6.45 -16.11 43.53
CA HIS B 521 6.90 -15.07 42.61
C HIS B 521 5.82 -14.04 42.35
N CYS B 522 4.57 -14.47 42.23
CA CYS B 522 3.48 -13.53 42.02
C CYS B 522 3.29 -12.61 43.22
N ARG B 523 3.67 -13.07 44.42
CA ARG B 523 3.61 -12.21 45.58
C ARG B 523 4.58 -11.04 45.46
N PHE B 524 5.68 -11.22 44.75
CA PHE B 524 6.64 -10.13 44.54
C PHE B 524 6.08 -9.11 43.57
N TRP B 525 5.55 -9.57 42.43
CA TRP B 525 5.05 -8.65 41.41
C TRP B 525 3.80 -7.92 41.87
N ASN B 526 2.98 -8.55 42.71
CA ASN B 526 1.72 -7.96 43.13
C ASN B 526 1.86 -7.09 44.37
N SER B 527 2.89 -7.29 45.20
CA SER B 527 3.03 -6.58 46.46
C SER B 527 4.25 -5.67 46.50
N PHE B 528 5.42 -6.17 46.15
CA PHE B 528 6.63 -5.37 46.27
C PHE B 528 6.91 -4.54 45.02
N PHE B 529 6.67 -5.10 43.83
CA PHE B 529 7.00 -4.38 42.60
C PHE B 529 6.18 -3.11 42.38
N PRO B 530 4.90 -3.00 42.77
CA PRO B 530 4.21 -1.72 42.60
C PRO B 530 4.80 -0.59 43.45
N LYS B 531 5.62 -0.91 44.45
CA LYS B 531 6.20 0.09 45.34
C LYS B 531 7.65 0.42 45.02
N VAL B 532 8.09 0.23 43.78
CA VAL B 532 9.49 0.47 43.44
C VAL B 532 9.65 1.51 42.33
#